data_8RYN
#
_entry.id   8RYN
#
_cell.length_a   86.750
_cell.length_b   48.690
_cell.length_c   115.300
_cell.angle_alpha   90.00
_cell.angle_beta   106.39
_cell.angle_gamma   90.00
#
_symmetry.space_group_name_H-M   'P 1 21 1'
#
loop_
_entity.id
_entity.type
_entity.pdbx_description
1 polymer 'MHC class I antigen'
2 polymer Beta-2-microglobulin
3 polymer 'ELFSYLIEK peptide'
4 polymer 'TCR alpha'
5 polymer 'TCR beta'
6 water water
#
loop_
_entity_poly.entity_id
_entity_poly.type
_entity_poly.pdbx_seq_one_letter_code
_entity_poly.pdbx_strand_id
1 'polypeptide(L)'
;GSHSMRYFYTSVSRPGRGEPRFIAVGYVDDTQFVRFDSDAASQRMEPRAPWIEQEGPEYWDQETRNVKAQSQTDRVDLGT
LRGYYNQSEDGSHTIQIMYGCDVGPDGRFLRGYRQDAYDGKDYIALNEDLRSWTAADMAAQITKRKWEAAHAAEQQRAYL
EGRCVEWLRRYLENGKETLQRTDPPKTHMTHHPISDHEATLRCWALGFYPAEITLTWQRDGEDQTQDTELVETRPAGDGT
FQKWAAVVVPSGEEQRYTCHVQHEGLPKPLTLRWEP
;
A
2 'polypeptide(L)'
;MIQRTPKIQVYSRHPAENGKSNFLNCYVSGFHPSDIEVDLLKNGERIEKVEHSDLSFSKDWSFYLLYYTEFTPTEKDEYA
CRVNHVTLSQPKIVKWDRDM
;
B
3 'polypeptide(L)' ELFSYLIEK C
4 'polypeptide(L)'
;MAQEVTQIPAALSVPEGENLVLNCSFTDSAIYNLQWFRQDPGKGLTSLLLIQSSQREQTSGRLNASLDKSSGRSTLYIAA
SQPGDSATYLCAVNNAGNMLTFGGGTRLMVKPHIQNPDPAVYQLRDSKSSDKSVCLFTDFDSQTNVSQSKDSDVYITDKC
VLDMRSMDFKSNSAVAWSNKSDFACANAFNNSIIPEDT
;
D
5 'polypeptide(L)'
;MNAGVTQTPKFRILKIGQSMTLQCTQDMNHNYMYWYRQDPGMGLKLIYYSVGAGITDKGEVPNGYNVSRSTTEDFPLRLE
SAAPSQTSVYFCASSETRGAPYGYTFGSGTRLTVVEDLNKVFPPEVAVFEPSEAEISHTQKATLVCLATGFYPDHVELSW
WVNGKEVHSGVCTDPQPLKEQPALNDSRYALSSRLRVSATFWQDPRNHFRCQVQFYGLSENDEWTQDRAKPVTQIVSAEA
WGRAD
;
E
#
# COMPACT_ATOMS: atom_id res chain seq x y z
N GLY A 1 5.46 -36.31 -12.14
CA GLY A 1 6.63 -35.40 -12.33
C GLY A 1 6.61 -34.26 -11.33
N SER A 2 7.80 -33.73 -10.99
CA SER A 2 7.98 -32.57 -10.08
C SER A 2 7.72 -31.27 -10.85
N HIS A 3 7.23 -30.23 -10.18
CA HIS A 3 6.81 -28.94 -10.79
C HIS A 3 7.43 -27.76 -10.06
N SER A 4 7.49 -26.60 -10.72
CA SER A 4 8.00 -25.33 -10.16
C SER A 4 7.03 -24.19 -10.46
N MET A 5 6.98 -23.19 -9.58
CA MET A 5 6.44 -21.84 -9.90
C MET A 5 7.60 -20.86 -9.80
N ARG A 6 7.77 -20.01 -10.83
CA ARG A 6 8.89 -19.03 -10.91
C ARG A 6 8.32 -17.68 -11.35
N TYR A 7 8.82 -16.61 -10.73
CA TYR A 7 8.59 -15.20 -11.15
C TYR A 7 9.93 -14.61 -11.56
N PHE A 8 9.92 -13.84 -12.65
CA PHE A 8 11.08 -13.16 -13.25
C PHE A 8 10.74 -11.67 -13.40
N TYR A 9 11.58 -10.79 -12.85
CA TYR A 9 11.45 -9.32 -12.94
C TYR A 9 12.70 -8.77 -13.65
N THR A 10 12.50 -7.92 -14.66
CA THR A 10 13.58 -7.15 -15.33
C THR A 10 13.25 -5.66 -15.20
N SER A 11 14.18 -4.87 -14.65
CA SER A 11 14.14 -3.39 -14.59
C SER A 11 15.34 -2.82 -15.34
N VAL A 12 15.09 -1.97 -16.33
CA VAL A 12 16.13 -1.32 -17.18
C VAL A 12 15.93 0.19 -17.08
N SER A 13 16.93 0.92 -16.57
CA SER A 13 16.92 2.40 -16.48
C SER A 13 17.01 2.97 -17.90
N ARG A 14 16.25 4.05 -18.16
CA ARG A 14 16.20 4.76 -19.47
C ARG A 14 16.46 6.24 -19.20
N PRO A 15 17.73 6.63 -18.94
CA PRO A 15 18.05 8.03 -18.59
C PRO A 15 17.61 9.00 -19.70
N GLY A 16 16.74 9.96 -19.36
CA GLY A 16 16.24 11.00 -20.27
C GLY A 16 15.05 10.53 -21.11
N ARG A 17 14.60 9.28 -20.92
CA ARG A 17 13.46 8.67 -21.67
C ARG A 17 12.39 8.20 -20.67
N GLY A 18 12.21 8.94 -19.57
CA GLY A 18 11.13 8.71 -18.59
C GLY A 18 11.48 7.63 -17.57
N GLU A 19 10.47 6.88 -17.12
CA GLU A 19 10.59 5.85 -16.06
C GLU A 19 11.33 4.63 -16.60
N PRO A 20 11.93 3.79 -15.71
CA PRO A 20 12.58 2.56 -16.14
C PRO A 20 11.55 1.57 -16.74
N ARG A 21 11.98 0.78 -17.73
CA ARG A 21 11.19 -0.36 -18.25
C ARG A 21 11.13 -1.43 -17.16
N PHE A 22 9.93 -1.88 -16.79
CA PHE A 22 9.69 -2.98 -15.82
C PHE A 22 8.82 -4.05 -16.49
N ILE A 23 9.35 -5.27 -16.57
CA ILE A 23 8.62 -6.46 -17.11
C ILE A 23 8.66 -7.56 -16.05
N ALA A 24 7.48 -8.01 -15.62
CA ALA A 24 7.29 -9.14 -14.69
C ALA A 24 6.58 -10.28 -15.43
N VAL A 25 7.06 -11.51 -15.29
CA VAL A 25 6.41 -12.71 -15.89
C VAL A 25 6.38 -13.83 -14.85
N GLY A 26 5.25 -14.51 -14.75
CA GLY A 26 5.05 -15.71 -13.91
C GLY A 26 4.98 -16.96 -14.76
N TYR A 27 5.66 -18.02 -14.33
CA TYR A 27 5.70 -19.36 -14.97
C TYR A 27 5.23 -20.42 -13.99
N VAL A 28 4.47 -21.41 -14.47
CA VAL A 28 4.35 -22.75 -13.86
C VAL A 28 5.04 -23.72 -14.82
N ASP A 29 6.14 -24.34 -14.37
CA ASP A 29 7.05 -25.14 -15.24
C ASP A 29 7.49 -24.23 -16.40
N ASP A 30 7.22 -24.63 -17.65
CA ASP A 30 7.68 -23.89 -18.85
C ASP A 30 6.53 -23.07 -19.45
N THR A 31 5.40 -22.94 -18.73
CA THR A 31 4.19 -22.22 -19.18
C THR A 31 4.06 -20.88 -18.44
N GLN A 32 4.10 -19.77 -19.20
CA GLN A 32 3.80 -18.41 -18.68
C GLN A 32 2.30 -18.29 -18.43
N PHE A 33 1.90 -17.73 -17.28
CA PHE A 33 0.47 -17.58 -16.89
C PHE A 33 0.12 -16.12 -16.54
N VAL A 34 1.09 -15.27 -16.20
CA VAL A 34 0.85 -13.82 -15.92
C VAL A 34 2.00 -12.98 -16.47
N ARG A 35 1.71 -11.73 -16.78
CA ARG A 35 2.71 -10.71 -17.22
C ARG A 35 2.30 -9.34 -16.65
N PHE A 36 3.28 -8.47 -16.43
CA PHE A 36 3.09 -7.02 -16.26
C PHE A 36 4.16 -6.30 -17.08
N ASP A 37 3.76 -5.30 -17.88
CA ASP A 37 4.68 -4.42 -18.65
C ASP A 37 4.34 -2.97 -18.32
N SER A 38 5.28 -2.23 -17.72
CA SER A 38 5.17 -0.78 -17.38
C SER A 38 4.73 0.01 -18.62
N ASP A 39 5.14 -0.40 -19.82
CA ASP A 39 4.91 0.35 -21.09
C ASP A 39 3.56 -0.02 -21.72
N ALA A 40 2.86 -1.05 -21.22
CA ALA A 40 1.52 -1.44 -21.70
C ALA A 40 0.47 -0.45 -21.15
N ALA A 41 -0.67 -0.34 -21.83
CA ALA A 41 -1.74 0.65 -21.57
C ALA A 41 -2.55 0.25 -20.32
N SER A 42 -2.69 -1.05 -20.05
CA SER A 42 -3.58 -1.59 -18.99
C SER A 42 -3.10 -1.12 -17.61
N GLN A 43 -1.79 -1.20 -17.35
CA GLN A 43 -1.17 -0.99 -16.00
C GLN A 43 -1.80 -2.01 -15.03
N ARG A 44 -2.03 -3.23 -15.51
CA ARG A 44 -2.65 -4.36 -14.77
C ARG A 44 -1.77 -5.59 -14.97
N MET A 45 -1.69 -6.45 -13.95
CA MET A 45 -1.25 -7.86 -14.16
C MET A 45 -2.25 -8.50 -15.11
N GLU A 46 -1.77 -9.15 -16.18
CA GLU A 46 -2.62 -9.70 -17.25
C GLU A 46 -2.47 -11.22 -17.29
N PRO A 47 -3.55 -11.98 -17.60
CA PRO A 47 -3.46 -13.43 -17.77
C PRO A 47 -2.78 -13.79 -19.10
N ARG A 48 -1.94 -14.83 -19.10
CA ARG A 48 -1.24 -15.37 -20.30
C ARG A 48 -1.49 -16.87 -20.46
N ALA A 49 -2.32 -17.48 -19.60
CA ALA A 49 -2.77 -18.88 -19.70
C ALA A 49 -4.28 -18.93 -19.44
N PRO A 50 -5.04 -19.76 -20.19
CA PRO A 50 -6.49 -19.85 -20.00
C PRO A 50 -6.95 -20.17 -18.56
N TRP A 51 -6.21 -21.03 -17.85
CA TRP A 51 -6.61 -21.58 -16.53
C TRP A 51 -6.47 -20.54 -15.41
N ILE A 52 -5.76 -19.43 -15.63
CA ILE A 52 -5.65 -18.34 -14.60
C ILE A 52 -6.82 -17.36 -14.77
N GLU A 53 -7.53 -17.38 -15.90
CA GLU A 53 -8.63 -16.42 -16.22
C GLU A 53 -9.78 -16.56 -15.21
N GLN A 54 -9.93 -17.74 -14.58
CA GLN A 54 -11.05 -18.04 -13.65
C GLN A 54 -10.77 -17.45 -12.25
N GLU A 55 -9.55 -16.94 -11.99
CA GLU A 55 -9.25 -16.18 -10.74
C GLU A 55 -10.10 -14.90 -10.76
N GLY A 56 -10.70 -14.55 -9.62
CA GLY A 56 -11.68 -13.45 -9.51
C GLY A 56 -11.01 -12.07 -9.48
N PRO A 57 -11.79 -10.98 -9.48
CA PRO A 57 -11.25 -9.62 -9.44
C PRO A 57 -10.27 -9.35 -8.28
N GLU A 58 -10.52 -9.94 -7.10
CA GLU A 58 -9.68 -9.76 -5.88
C GLU A 58 -8.25 -10.22 -6.17
N TYR A 59 -8.08 -11.36 -6.83
CA TYR A 59 -6.77 -11.91 -7.27
C TYR A 59 -6.05 -10.87 -8.15
N TRP A 60 -6.72 -10.42 -9.22
CA TRP A 60 -6.16 -9.50 -10.24
C TRP A 60 -5.83 -8.14 -9.60
N ASP A 61 -6.69 -7.65 -8.71
CA ASP A 61 -6.44 -6.38 -7.95
C ASP A 61 -5.22 -6.56 -7.06
N GLN A 62 -5.11 -7.69 -6.34
CA GLN A 62 -3.98 -8.01 -5.43
C GLN A 62 -2.66 -8.11 -6.21
N GLU A 63 -2.63 -8.89 -7.29
CA GLU A 63 -1.40 -9.16 -8.08
C GLU A 63 -0.96 -7.84 -8.75
N THR A 64 -1.91 -7.00 -9.18
CA THR A 64 -1.64 -5.67 -9.79
C THR A 64 -0.99 -4.74 -8.76
N ARG A 65 -1.55 -4.65 -7.55
CA ARG A 65 -1.01 -3.82 -6.44
C ARG A 65 0.42 -4.27 -6.13
N ASN A 66 0.63 -5.58 -5.96
CA ASN A 66 1.92 -6.17 -5.50
C ASN A 66 2.97 -6.05 -6.60
N VAL A 67 2.61 -6.24 -7.87
CA VAL A 67 3.55 -6.16 -9.01
C VAL A 67 3.98 -4.69 -9.18
N LYS A 68 3.06 -3.74 -9.00
CA LYS A 68 3.34 -2.28 -9.05
C LYS A 68 4.28 -1.89 -7.90
N ALA A 69 4.07 -2.45 -6.71
CA ALA A 69 4.93 -2.27 -5.52
C ALA A 69 6.37 -2.71 -5.86
N GLN A 70 6.51 -3.87 -6.49
CA GLN A 70 7.84 -4.42 -6.92
C GLN A 70 8.49 -3.45 -7.92
N SER A 71 7.74 -2.96 -8.91
CA SER A 71 8.26 -2.02 -9.94
C SER A 71 8.77 -0.75 -9.26
N GLN A 72 8.05 -0.26 -8.24
CA GLN A 72 8.41 0.94 -7.44
C GLN A 72 9.68 0.66 -6.63
N THR A 73 9.78 -0.51 -6.01
CA THR A 73 10.99 -0.95 -5.25
C THR A 73 12.21 -0.97 -6.18
N ASP A 74 12.05 -1.54 -7.39
CA ASP A 74 13.12 -1.61 -8.41
C ASP A 74 13.56 -0.19 -8.83
N ARG A 75 12.61 0.74 -8.97
CA ARG A 75 12.89 2.15 -9.36
C ARG A 75 13.81 2.79 -8.32
N VAL A 76 13.53 2.58 -7.04
CA VAL A 76 14.35 3.06 -5.90
C VAL A 76 15.73 2.37 -5.95
N ASP A 77 15.74 1.05 -6.13
CA ASP A 77 16.97 0.21 -6.06
C ASP A 77 17.94 0.59 -7.19
N LEU A 78 17.42 0.93 -8.37
CA LEU A 78 18.23 1.42 -9.52
C LEU A 78 19.01 2.66 -9.09
N GLY A 79 18.34 3.61 -8.43
CA GLY A 79 18.96 4.84 -7.90
C GLY A 79 19.98 4.54 -6.82
N THR A 80 19.66 3.64 -5.88
CA THR A 80 20.54 3.24 -4.76
C THR A 80 21.82 2.59 -5.31
N LEU A 81 21.68 1.57 -6.16
CA LEU A 81 22.84 0.79 -6.70
C LEU A 81 23.73 1.69 -7.56
N ARG A 82 23.14 2.62 -8.32
CA ARG A 82 23.89 3.67 -9.09
C ARG A 82 24.81 4.42 -8.11
N GLY A 83 24.30 4.72 -6.91
CA GLY A 83 25.06 5.35 -5.81
C GLY A 83 26.17 4.45 -5.29
N TYR A 84 25.83 3.21 -4.92
CA TYR A 84 26.77 2.19 -4.36
C TYR A 84 28.00 2.04 -5.28
N TYR A 85 27.78 2.02 -6.59
CA TYR A 85 28.84 1.73 -7.61
C TYR A 85 29.43 3.03 -8.17
N ASN A 86 29.00 4.19 -7.66
CA ASN A 86 29.48 5.54 -8.06
C ASN A 86 29.36 5.68 -9.59
N GLN A 87 28.20 5.33 -10.15
CA GLN A 87 27.94 5.34 -11.62
C GLN A 87 27.25 6.64 -12.01
N SER A 88 27.46 7.10 -13.26
CA SER A 88 26.87 8.34 -13.82
C SER A 88 25.36 8.15 -14.06
N GLU A 89 24.64 9.26 -14.25
CA GLU A 89 23.16 9.31 -14.34
C GLU A 89 22.70 9.16 -15.80
N ASP A 90 23.63 9.00 -16.75
CA ASP A 90 23.34 9.04 -18.21
C ASP A 90 23.46 7.64 -18.85
N GLY A 91 23.81 6.61 -18.07
CA GLY A 91 23.99 5.23 -18.55
C GLY A 91 22.84 4.33 -18.11
N SER A 92 22.42 3.39 -18.97
CA SER A 92 21.35 2.39 -18.67
C SER A 92 21.94 1.28 -17.78
N HIS A 93 21.16 0.82 -16.80
CA HIS A 93 21.53 -0.30 -15.89
C HIS A 93 20.31 -1.22 -15.72
N THR A 94 20.56 -2.50 -15.43
CA THR A 94 19.53 -3.56 -15.35
C THR A 94 19.57 -4.24 -13.97
N ILE A 95 18.43 -4.33 -13.31
CA ILE A 95 18.20 -5.26 -12.17
C ILE A 95 17.34 -6.42 -12.67
N GLN A 96 17.79 -7.66 -12.42
CA GLN A 96 17.00 -8.90 -12.66
C GLN A 96 16.80 -9.63 -11.34
N ILE A 97 15.59 -10.14 -11.12
CA ILE A 97 15.20 -10.91 -9.92
C ILE A 97 14.50 -12.19 -10.40
N MET A 98 14.91 -13.33 -9.87
CA MET A 98 14.21 -14.64 -10.05
C MET A 98 13.98 -15.27 -8.68
N TYR A 99 12.77 -15.79 -8.43
CA TYR A 99 12.44 -16.61 -7.25
C TYR A 99 11.36 -17.62 -7.62
N GLY A 100 11.19 -18.63 -6.77
CA GLY A 100 10.22 -19.71 -7.00
C GLY A 100 10.43 -20.88 -6.07
N CYS A 101 9.48 -21.82 -6.09
CA CYS A 101 9.44 -23.05 -5.28
C CYS A 101 9.30 -24.25 -6.21
N ASP A 102 9.89 -25.39 -5.83
CA ASP A 102 9.74 -26.69 -6.53
C ASP A 102 8.98 -27.65 -5.62
N VAL A 103 8.07 -28.44 -6.18
CA VAL A 103 7.31 -29.52 -5.47
C VAL A 103 7.50 -30.82 -6.24
N GLY A 104 7.58 -31.94 -5.52
CA GLY A 104 7.69 -33.30 -6.10
C GLY A 104 6.36 -33.75 -6.70
N PRO A 105 6.27 -34.99 -7.21
CA PRO A 105 5.01 -35.48 -7.79
C PRO A 105 3.86 -35.46 -6.78
N ASP A 106 4.16 -35.69 -5.49
CA ASP A 106 3.19 -35.75 -4.37
C ASP A 106 2.71 -34.35 -3.97
N GLY A 107 3.34 -33.30 -4.50
CA GLY A 107 2.94 -31.89 -4.29
C GLY A 107 3.63 -31.26 -3.09
N ARG A 108 4.53 -32.00 -2.42
CA ARG A 108 5.25 -31.54 -1.20
C ARG A 108 6.48 -30.73 -1.63
N PHE A 109 6.85 -29.73 -0.82
CA PHE A 109 7.99 -28.80 -1.03
C PHE A 109 9.30 -29.59 -1.18
N LEU A 110 10.05 -29.32 -2.25
CA LEU A 110 11.41 -29.88 -2.49
C LEU A 110 12.45 -28.82 -2.12
N ARG A 111 12.32 -27.60 -2.64
CA ARG A 111 13.30 -26.50 -2.48
C ARG A 111 12.70 -25.17 -2.92
N GLY A 112 13.30 -24.08 -2.44
CA GLY A 112 12.99 -22.69 -2.85
C GLY A 112 14.26 -21.95 -3.20
N TYR A 113 14.15 -20.83 -3.91
CA TYR A 113 15.29 -20.02 -4.41
C TYR A 113 14.85 -18.57 -4.59
N ARG A 114 15.78 -17.65 -4.35
CA ARG A 114 15.66 -16.18 -4.61
C ARG A 114 17.05 -15.68 -4.99
N GLN A 115 17.18 -15.09 -6.18
CA GLN A 115 18.48 -14.60 -6.73
C GLN A 115 18.26 -13.24 -7.38
N ASP A 116 19.23 -12.33 -7.20
CA ASP A 116 19.18 -10.94 -7.72
C ASP A 116 20.48 -10.67 -8.48
N ALA A 117 20.40 -9.95 -9.61
CA ALA A 117 21.55 -9.55 -10.44
C ALA A 117 21.54 -8.02 -10.64
N TYR A 118 22.72 -7.46 -10.91
CA TYR A 118 22.91 -6.07 -11.40
C TYR A 118 23.80 -6.14 -12.64
N ASP A 119 23.32 -5.58 -13.76
CA ASP A 119 24.01 -5.58 -15.08
C ASP A 119 24.51 -6.99 -15.41
N GLY A 120 23.63 -7.98 -15.28
CA GLY A 120 23.85 -9.39 -15.71
C GLY A 120 24.87 -10.13 -14.85
N LYS A 121 25.13 -9.66 -13.62
CA LYS A 121 26.11 -10.25 -12.68
C LYS A 121 25.45 -10.46 -11.31
N ASP A 122 25.74 -11.59 -10.65
CA ASP A 122 25.22 -11.93 -9.30
C ASP A 122 25.41 -10.71 -8.38
N TYR A 123 24.33 -10.30 -7.71
CA TYR A 123 24.34 -9.22 -6.68
C TYR A 123 24.14 -9.88 -5.31
N ILE A 124 22.97 -10.47 -5.07
CA ILE A 124 22.63 -11.15 -3.79
C ILE A 124 21.71 -12.34 -4.10
N ALA A 125 21.81 -13.39 -3.28
CA ALA A 125 21.04 -14.65 -3.43
C ALA A 125 20.74 -15.24 -2.05
N LEU A 126 19.56 -15.83 -1.89
CA LEU A 126 19.17 -16.60 -0.69
C LEU A 126 19.89 -17.95 -0.74
N ASN A 127 20.52 -18.34 0.38
CA ASN A 127 21.23 -19.65 0.52
C ASN A 127 20.21 -20.79 0.40
N GLU A 128 20.72 -22.02 0.21
CA GLU A 128 19.90 -23.25 -0.01
C GLU A 128 19.01 -23.50 1.21
N ASP A 129 19.47 -23.20 2.42
CA ASP A 129 18.74 -23.45 3.69
C ASP A 129 17.66 -22.38 3.90
N LEU A 130 17.66 -21.31 3.10
CA LEU A 130 16.65 -20.22 3.13
C LEU A 130 16.70 -19.45 4.46
N ARG A 131 17.87 -19.43 5.12
CA ARG A 131 18.05 -18.82 6.47
C ARG A 131 18.99 -17.60 6.38
N SER A 132 19.77 -17.45 5.30
CA SER A 132 20.81 -16.40 5.17
C SER A 132 21.05 -16.04 3.69
N TRP A 133 21.76 -14.93 3.48
CA TRP A 133 22.07 -14.35 2.14
C TRP A 133 23.56 -14.49 1.83
N THR A 134 23.89 -14.59 0.54
CA THR A 134 25.28 -14.52 -0.01
C THR A 134 25.37 -13.26 -0.87
N ALA A 135 26.18 -12.28 -0.44
CA ALA A 135 26.45 -11.01 -1.15
C ALA A 135 27.68 -11.18 -2.05
N ALA A 136 27.61 -10.68 -3.29
CA ALA A 136 28.65 -10.85 -4.34
C ALA A 136 29.81 -9.88 -4.09
N ASP A 137 29.54 -8.68 -3.55
CA ASP A 137 30.55 -7.62 -3.31
C ASP A 137 30.11 -6.75 -2.12
N MET A 138 30.84 -5.67 -1.85
CA MET A 138 30.60 -4.76 -0.69
C MET A 138 29.25 -4.05 -0.86
N ALA A 139 28.89 -3.66 -2.08
CA ALA A 139 27.58 -3.06 -2.40
C ALA A 139 26.46 -3.98 -1.90
N ALA A 140 26.47 -5.24 -2.35
CA ALA A 140 25.49 -6.29 -1.97
C ALA A 140 25.54 -6.55 -0.46
N GLN A 141 26.71 -6.40 0.16
CA GLN A 141 26.90 -6.60 1.63
C GLN A 141 26.07 -5.56 2.40
N ILE A 142 25.98 -4.33 1.90
CA ILE A 142 25.15 -3.24 2.51
C ILE A 142 23.68 -3.64 2.43
N THR A 143 23.26 -4.21 1.29
CA THR A 143 21.90 -4.76 1.07
C THR A 143 21.64 -5.88 2.09
N LYS A 144 22.58 -6.81 2.23
CA LYS A 144 22.46 -8.00 3.11
C LYS A 144 22.13 -7.56 4.54
N ARG A 145 22.79 -6.52 5.04
CA ARG A 145 22.60 -6.00 6.43
C ARG A 145 21.19 -5.40 6.55
N LYS A 146 20.73 -4.65 5.54
CA LYS A 146 19.36 -4.08 5.47
C LYS A 146 18.33 -5.21 5.50
N TRP A 147 18.58 -6.30 4.77
CA TRP A 147 17.65 -7.46 4.63
C TRP A 147 17.65 -8.28 5.92
N GLU A 148 18.81 -8.42 6.58
CA GLU A 148 18.95 -9.09 7.89
C GLU A 148 18.13 -8.33 8.95
N ALA A 149 18.19 -6.99 8.94
CA ALA A 149 17.51 -6.11 9.92
C ALA A 149 15.99 -6.19 9.73
N ALA A 150 15.53 -6.42 8.48
CA ALA A 150 14.10 -6.55 8.11
C ALA A 150 13.62 -8.00 8.30
N HIS A 151 14.52 -8.93 8.63
CA HIS A 151 14.25 -10.40 8.73
C HIS A 151 13.64 -10.90 7.41
N ALA A 152 14.20 -10.47 6.27
CA ALA A 152 13.70 -10.75 4.90
C ALA A 152 13.80 -12.25 4.59
N ALA A 153 14.84 -12.93 5.09
CA ALA A 153 15.09 -14.37 4.87
C ALA A 153 13.95 -15.20 5.47
N GLU A 154 13.50 -14.85 6.68
CA GLU A 154 12.35 -15.51 7.36
C GLU A 154 11.10 -15.39 6.49
N GLN A 155 10.86 -14.21 5.92
CA GLN A 155 9.65 -13.88 5.11
C GLN A 155 9.75 -14.58 3.74
N GLN A 156 10.93 -14.60 3.13
CA GLN A 156 11.18 -15.31 1.84
C GLN A 156 10.93 -16.81 2.06
N ARG A 157 11.50 -17.39 3.11
CA ARG A 157 11.34 -18.83 3.49
C ARG A 157 9.85 -19.13 3.74
N ALA A 158 9.16 -18.29 4.52
CA ALA A 158 7.72 -18.39 4.82
C ALA A 158 6.91 -18.41 3.51
N TYR A 159 7.24 -17.53 2.56
CA TYR A 159 6.59 -17.45 1.23
C TYR A 159 6.84 -18.74 0.44
N LEU A 160 8.12 -19.09 0.25
CA LEU A 160 8.58 -20.21 -0.61
C LEU A 160 7.98 -21.55 -0.14
N GLU A 161 7.84 -21.74 1.18
CA GLU A 161 7.36 -23.02 1.78
C GLU A 161 5.85 -22.96 2.06
N GLY A 162 5.24 -21.77 2.03
CA GLY A 162 3.81 -21.56 2.28
C GLY A 162 3.06 -21.21 1.01
N ARG A 163 2.80 -19.91 0.80
CA ARG A 163 1.94 -19.35 -0.27
C ARG A 163 2.40 -19.86 -1.65
N CYS A 164 3.71 -19.91 -1.89
CA CYS A 164 4.32 -20.35 -3.18
C CYS A 164 3.85 -21.76 -3.52
N VAL A 165 4.02 -22.68 -2.57
CA VAL A 165 3.67 -24.14 -2.71
C VAL A 165 2.15 -24.28 -2.81
N GLU A 166 1.40 -23.52 -2.00
CA GLU A 166 -0.08 -23.60 -1.92
C GLU A 166 -0.69 -23.14 -3.25
N TRP A 167 -0.22 -22.02 -3.80
CA TRP A 167 -0.77 -21.44 -5.06
C TRP A 167 -0.33 -22.28 -6.27
N LEU A 168 0.90 -22.82 -6.26
CA LEU A 168 1.41 -23.74 -7.31
C LEU A 168 0.48 -24.96 -7.39
N ARG A 169 0.15 -25.57 -6.24
CA ARG A 169 -0.78 -26.73 -6.15
C ARG A 169 -2.15 -26.35 -6.74
N ARG A 170 -2.63 -25.15 -6.45
CA ARG A 170 -3.93 -24.62 -6.95
C ARG A 170 -3.88 -24.50 -8.48
N TYR A 171 -2.83 -23.86 -9.01
CA TYR A 171 -2.61 -23.65 -10.47
C TYR A 171 -2.51 -25.02 -11.16
N LEU A 172 -1.75 -25.95 -10.59
CA LEU A 172 -1.52 -27.32 -11.14
C LEU A 172 -2.86 -28.06 -11.26
N GLU A 173 -3.77 -27.89 -10.29
CA GLU A 173 -5.10 -28.53 -10.29
C GLU A 173 -5.99 -27.85 -11.34
N ASN A 174 -6.05 -26.52 -11.34
CA ASN A 174 -6.93 -25.72 -12.23
C ASN A 174 -6.52 -25.94 -13.70
N GLY A 175 -5.22 -25.97 -13.98
CA GLY A 175 -4.67 -26.09 -15.35
C GLY A 175 -4.17 -27.49 -15.68
N LYS A 176 -4.60 -28.52 -14.92
CA LYS A 176 -4.01 -29.89 -14.95
C LYS A 176 -4.05 -30.47 -16.37
N GLU A 177 -5.06 -30.15 -17.18
CA GLU A 177 -5.26 -30.72 -18.54
C GLU A 177 -4.10 -30.34 -19.45
N THR A 178 -3.42 -29.22 -19.19
CA THR A 178 -2.19 -28.78 -19.91
C THR A 178 -0.95 -28.99 -19.02
N LEU A 179 -0.96 -28.49 -17.79
CA LEU A 179 0.22 -28.43 -16.90
C LEU A 179 0.70 -29.83 -16.50
N GLN A 180 -0.22 -30.78 -16.26
CA GLN A 180 0.12 -32.13 -15.72
C GLN A 180 0.00 -33.18 -16.83
N ARG A 181 -0.12 -32.77 -18.10
CA ARG A 181 -0.10 -33.71 -19.26
C ARG A 181 1.36 -34.07 -19.56
N THR A 182 1.59 -35.27 -20.07
CA THR A 182 2.92 -35.72 -20.57
C THR A 182 2.76 -36.09 -22.06
N ASP A 183 3.24 -35.22 -22.95
CA ASP A 183 3.32 -35.47 -24.41
C ASP A 183 4.71 -36.04 -24.72
N PRO A 184 4.81 -37.32 -25.13
CA PRO A 184 6.11 -37.89 -25.50
C PRO A 184 6.61 -37.30 -26.81
N PRO A 185 7.94 -37.31 -27.07
CA PRO A 185 8.48 -36.76 -28.31
C PRO A 185 8.19 -37.64 -29.55
N LYS A 186 7.67 -37.02 -30.62
CA LYS A 186 7.67 -37.58 -31.99
C LYS A 186 9.12 -37.53 -32.51
N THR A 187 9.71 -38.69 -32.80
CA THR A 187 11.15 -38.81 -33.15
C THR A 187 11.32 -39.29 -34.60
N HIS A 188 12.35 -38.76 -35.26
CA HIS A 188 12.83 -39.22 -36.59
C HIS A 188 14.29 -38.78 -36.75
N MET A 189 14.98 -39.37 -37.74
CA MET A 189 16.41 -39.10 -38.04
C MET A 189 16.52 -38.73 -39.52
N THR A 190 17.28 -37.67 -39.83
CA THR A 190 17.58 -37.21 -41.22
C THR A 190 19.07 -37.44 -41.50
N HIS A 191 19.40 -37.64 -42.78
CA HIS A 191 20.76 -37.93 -43.30
C HIS A 191 21.06 -36.95 -44.44
N HIS A 192 22.14 -36.18 -44.32
CA HIS A 192 22.58 -35.15 -45.31
C HIS A 192 24.07 -35.30 -45.59
N PRO A 193 24.45 -36.00 -46.69
CA PRO A 193 25.85 -36.05 -47.13
C PRO A 193 26.49 -34.67 -47.19
N ILE A 194 27.60 -34.47 -46.47
CA ILE A 194 28.42 -33.21 -46.46
C ILE A 194 29.36 -33.25 -47.67
N SER A 195 30.02 -34.39 -47.87
CA SER A 195 30.93 -34.70 -48.99
C SER A 195 30.65 -36.12 -49.49
N ASP A 196 31.52 -36.68 -50.33
CA ASP A 196 31.44 -38.08 -50.83
C ASP A 196 31.78 -39.05 -49.69
N HIS A 197 32.48 -38.59 -48.64
CA HIS A 197 33.08 -39.44 -47.57
C HIS A 197 32.54 -39.10 -46.17
N GLU A 198 31.65 -38.11 -46.03
CA GLU A 198 31.06 -37.71 -44.73
C GLU A 198 29.59 -37.32 -44.89
N ALA A 199 28.82 -37.42 -43.80
CA ALA A 199 27.37 -37.14 -43.75
C ALA A 199 26.95 -36.79 -42.31
N THR A 200 26.03 -35.84 -42.17
CA THR A 200 25.42 -35.44 -40.87
C THR A 200 24.19 -36.32 -40.62
N LEU A 201 24.16 -36.99 -39.47
CA LEU A 201 22.94 -37.63 -38.90
C LEU A 201 22.37 -36.68 -37.84
N ARG A 202 21.13 -36.23 -38.04
CA ARG A 202 20.41 -35.33 -37.10
C ARG A 202 19.25 -36.11 -36.49
N CYS A 203 19.22 -36.21 -35.17
CA CYS A 203 18.17 -36.87 -34.36
C CYS A 203 17.18 -35.81 -33.87
N TRP A 204 15.90 -35.94 -34.25
CA TRP A 204 14.82 -34.94 -34.00
C TRP A 204 13.88 -35.43 -32.88
N ALA A 205 13.51 -34.53 -31.96
CA ALA A 205 12.42 -34.70 -30.99
C ALA A 205 11.44 -33.53 -31.14
N LEU A 206 10.17 -33.83 -31.42
CA LEU A 206 9.12 -32.81 -31.70
C LEU A 206 7.86 -33.08 -30.85
N GLY A 207 7.16 -32.01 -30.48
CA GLY A 207 5.81 -32.04 -29.88
C GLY A 207 5.80 -32.60 -28.46
N PHE A 208 6.87 -32.41 -27.70
CA PHE A 208 7.01 -33.00 -26.33
C PHE A 208 6.76 -31.93 -25.26
N TYR A 209 6.18 -32.36 -24.13
CA TYR A 209 5.98 -31.57 -22.88
C TYR A 209 6.09 -32.51 -21.70
N PRO A 210 6.80 -32.15 -20.60
CA PRO A 210 7.47 -30.85 -20.45
C PRO A 210 8.78 -30.74 -21.24
N ALA A 211 9.48 -29.60 -21.10
CA ALA A 211 10.66 -29.20 -21.89
C ALA A 211 11.86 -30.12 -21.60
N GLU A 212 11.92 -30.73 -20.42
CA GLU A 212 13.08 -31.57 -19.98
C GLU A 212 13.17 -32.81 -20.87
N ILE A 213 14.32 -32.98 -21.53
CA ILE A 213 14.61 -34.13 -22.44
C ILE A 213 16.12 -34.36 -22.46
N THR A 214 16.54 -35.60 -22.73
CA THR A 214 17.96 -35.98 -22.99
C THR A 214 18.07 -36.61 -24.37
N LEU A 215 18.80 -35.96 -25.29
CA LEU A 215 19.22 -36.49 -26.61
C LEU A 215 20.73 -36.74 -26.57
N THR A 216 21.15 -37.99 -26.78
CA THR A 216 22.58 -38.43 -26.73
C THR A 216 22.88 -39.31 -27.95
N TRP A 217 24.06 -39.13 -28.55
CA TRP A 217 24.61 -39.97 -29.64
C TRP A 217 25.65 -40.93 -29.06
N GLN A 218 25.61 -42.20 -29.47
CA GLN A 218 26.62 -43.24 -29.11
C GLN A 218 27.23 -43.80 -30.39
N ARG A 219 28.53 -44.12 -30.34
CA ARG A 219 29.30 -44.79 -31.42
C ARG A 219 29.64 -46.21 -30.96
N ASP A 220 28.87 -47.20 -31.43
CA ASP A 220 29.00 -48.65 -31.10
C ASP A 220 28.54 -48.92 -29.66
N GLY A 221 28.12 -47.90 -28.91
CA GLY A 221 27.71 -48.01 -27.49
C GLY A 221 28.37 -46.97 -26.60
N GLU A 222 29.44 -46.32 -27.07
CA GLU A 222 30.21 -45.29 -26.32
C GLU A 222 29.65 -43.90 -26.63
N ASP A 223 29.45 -43.07 -25.59
CA ASP A 223 28.82 -41.73 -25.69
C ASP A 223 29.74 -40.79 -26.49
N GLN A 224 29.14 -39.82 -27.21
CA GLN A 224 29.83 -38.91 -28.16
C GLN A 224 29.43 -37.46 -27.87
N THR A 225 29.13 -37.13 -26.60
CA THR A 225 28.58 -35.82 -26.16
C THR A 225 29.51 -34.67 -26.58
N GLN A 226 30.82 -34.92 -26.62
CA GLN A 226 31.87 -33.89 -26.86
C GLN A 226 32.08 -33.68 -28.36
N ASP A 227 31.41 -34.47 -29.22
CA ASP A 227 31.47 -34.35 -30.71
C ASP A 227 30.05 -34.34 -31.28
N THR A 228 29.08 -33.85 -30.50
CA THR A 228 27.64 -33.76 -30.84
C THR A 228 27.22 -32.28 -30.86
N GLU A 229 26.61 -31.81 -31.96
CA GLU A 229 25.94 -30.49 -32.04
C GLU A 229 24.54 -30.65 -31.42
N LEU A 230 24.27 -29.92 -30.33
CA LEU A 230 23.03 -30.06 -29.52
C LEU A 230 22.42 -28.67 -29.31
N VAL A 231 21.42 -28.30 -30.13
CA VAL A 231 20.72 -26.98 -30.04
C VAL A 231 19.91 -26.94 -28.74
N GLU A 232 19.71 -25.74 -28.19
CA GLU A 232 18.84 -25.50 -27.01
C GLU A 232 17.41 -25.93 -27.33
N THR A 233 16.74 -26.58 -26.37
CA THR A 233 15.29 -26.92 -26.44
C THR A 233 14.54 -25.61 -26.73
N ARG A 234 13.64 -25.63 -27.70
CA ARG A 234 12.95 -24.41 -28.22
C ARG A 234 11.45 -24.63 -28.18
N PRO A 235 10.64 -23.58 -27.92
CA PRO A 235 9.18 -23.69 -27.92
C PRO A 235 8.63 -23.71 -29.36
N ALA A 236 7.68 -24.61 -29.63
CA ALA A 236 7.01 -24.73 -30.95
C ALA A 236 6.00 -23.59 -31.10
N GLY A 237 5.51 -23.06 -29.98
CA GLY A 237 4.57 -21.93 -29.92
C GLY A 237 3.15 -22.38 -29.60
N ASP A 238 2.89 -23.70 -29.67
CA ASP A 238 1.59 -24.34 -29.32
C ASP A 238 1.65 -24.95 -27.90
N GLY A 239 2.72 -24.68 -27.14
CA GLY A 239 2.89 -25.17 -25.76
C GLY A 239 3.77 -26.40 -25.67
N THR A 240 4.13 -27.01 -26.81
CA THR A 240 5.10 -28.14 -26.88
C THR A 240 6.50 -27.61 -27.19
N PHE A 241 7.50 -28.51 -27.19
CA PHE A 241 8.93 -28.16 -27.37
C PHE A 241 9.55 -29.02 -28.47
N GLN A 242 10.70 -28.56 -28.96
CA GLN A 242 11.50 -29.21 -30.03
C GLN A 242 12.97 -29.20 -29.62
N LYS A 243 13.71 -30.22 -30.05
CA LYS A 243 15.18 -30.32 -29.88
C LYS A 243 15.74 -31.25 -30.95
N TRP A 244 16.97 -31.03 -31.39
CA TRP A 244 17.72 -32.02 -32.20
C TRP A 244 19.18 -32.09 -31.74
N ALA A 245 19.80 -33.24 -31.98
CA ALA A 245 21.24 -33.52 -31.80
C ALA A 245 21.78 -34.08 -33.12
N ALA A 246 22.97 -33.63 -33.54
CA ALA A 246 23.60 -34.01 -34.82
C ALA A 246 25.02 -34.51 -34.58
N VAL A 247 25.46 -35.47 -35.40
CA VAL A 247 26.87 -35.99 -35.45
C VAL A 247 27.29 -36.07 -36.91
N VAL A 248 28.54 -35.72 -37.20
CA VAL A 248 29.20 -35.91 -38.52
C VAL A 248 29.88 -37.28 -38.51
N VAL A 249 29.43 -38.20 -39.38
CA VAL A 249 29.89 -39.62 -39.41
C VAL A 249 30.55 -39.91 -40.75
N PRO A 250 31.62 -40.74 -40.78
CA PRO A 250 32.14 -41.27 -42.05
C PRO A 250 31.06 -42.02 -42.83
N SER A 251 31.01 -41.82 -44.15
CA SER A 251 30.01 -42.43 -45.07
C SER A 251 30.20 -43.96 -45.05
N GLY A 252 29.11 -44.71 -44.86
CA GLY A 252 29.10 -46.17 -44.75
C GLY A 252 29.05 -46.66 -43.31
N GLU A 253 29.38 -45.79 -42.34
CA GLU A 253 29.47 -46.13 -40.90
C GLU A 253 28.30 -45.50 -40.13
N GLU A 254 27.15 -45.29 -40.79
CA GLU A 254 25.95 -44.63 -40.21
C GLU A 254 25.31 -45.51 -39.14
N GLN A 255 25.23 -46.82 -39.38
CA GLN A 255 24.50 -47.79 -38.53
C GLN A 255 25.33 -48.16 -37.29
N ARG A 256 26.56 -47.64 -37.17
CA ARG A 256 27.42 -47.79 -35.97
C ARG A 256 27.02 -46.75 -34.90
N TYR A 257 26.20 -45.76 -35.28
CA TYR A 257 25.74 -44.64 -34.40
C TYR A 257 24.29 -44.89 -33.98
N THR A 258 23.98 -44.56 -32.72
CA THR A 258 22.61 -44.64 -32.13
C THR A 258 22.30 -43.32 -31.40
N CYS A 259 21.11 -42.78 -31.64
CA CYS A 259 20.54 -41.64 -30.88
C CYS A 259 19.63 -42.17 -29.77
N HIS A 260 19.85 -41.73 -28.54
CA HIS A 260 19.10 -42.18 -27.33
C HIS A 260 18.22 -41.02 -26.85
N VAL A 261 16.90 -41.27 -26.74
CA VAL A 261 15.89 -40.25 -26.34
C VAL A 261 15.28 -40.68 -25.01
N GLN A 262 15.46 -39.86 -23.97
CA GLN A 262 14.85 -40.05 -22.61
C GLN A 262 13.88 -38.90 -22.35
N HIS A 263 12.61 -39.22 -22.12
CA HIS A 263 11.52 -38.26 -21.76
C HIS A 263 10.52 -38.95 -20.83
N GLU A 264 9.88 -38.16 -19.95
CA GLU A 264 8.90 -38.65 -18.94
C GLU A 264 7.73 -39.34 -19.65
N GLY A 265 7.29 -38.79 -20.79
CA GLY A 265 6.18 -39.29 -21.62
C GLY A 265 6.46 -40.65 -22.24
N LEU A 266 7.74 -41.06 -22.31
CA LEU A 266 8.15 -42.37 -22.87
C LEU A 266 8.10 -43.43 -21.77
N PRO A 267 7.37 -44.55 -21.96
CA PRO A 267 7.41 -45.67 -21.01
C PRO A 267 8.71 -46.47 -21.13
N LYS A 268 9.39 -46.33 -22.27
CA LYS A 268 10.69 -46.99 -22.61
C LYS A 268 11.58 -45.99 -23.34
N PRO A 269 12.79 -45.66 -22.82
CA PRO A 269 13.74 -44.84 -23.57
C PRO A 269 13.98 -45.39 -24.99
N LEU A 270 13.92 -44.51 -26.00
CA LEU A 270 14.04 -44.89 -27.43
C LEU A 270 15.51 -44.92 -27.84
N THR A 271 15.87 -45.90 -28.68
CA THR A 271 17.20 -46.02 -29.35
C THR A 271 16.96 -45.98 -30.86
N LEU A 272 17.36 -44.89 -31.52
CA LEU A 272 17.19 -44.65 -32.97
C LEU A 272 18.51 -44.96 -33.70
N ARG A 273 18.41 -45.60 -34.86
CA ARG A 273 19.55 -45.95 -35.75
C ARG A 273 19.10 -45.69 -37.20
N TRP A 274 19.96 -45.09 -38.03
CA TRP A 274 19.65 -44.80 -39.45
C TRP A 274 19.27 -46.10 -40.17
N GLU A 275 18.14 -46.09 -40.88
CA GLU A 275 17.51 -47.29 -41.49
C GLU A 275 17.74 -47.29 -43.00
N GLN B 3 28.35 -8.63 -21.33
CA GLN B 3 27.73 -8.70 -22.69
C GLN B 3 27.81 -10.13 -23.22
N ARG B 4 26.69 -10.67 -23.75
CA ARG B 4 26.58 -12.03 -24.32
C ARG B 4 25.84 -11.97 -25.66
N THR B 5 26.31 -12.72 -26.66
CA THR B 5 25.85 -12.68 -28.07
C THR B 5 24.62 -13.57 -28.24
N PRO B 6 23.54 -13.07 -28.89
CA PRO B 6 22.32 -13.87 -29.06
C PRO B 6 22.57 -15.13 -29.90
N LYS B 7 22.04 -16.27 -29.42
CA LYS B 7 21.86 -17.51 -30.22
C LYS B 7 20.51 -17.40 -30.93
N ILE B 8 20.45 -17.80 -32.21
CA ILE B 8 19.25 -17.61 -33.06
C ILE B 8 18.86 -18.97 -33.66
N GLN B 9 17.59 -19.35 -33.52
CA GLN B 9 16.98 -20.54 -34.17
C GLN B 9 15.73 -20.07 -34.95
N VAL B 10 15.68 -20.37 -36.24
CA VAL B 10 14.52 -20.10 -37.14
C VAL B 10 13.96 -21.45 -37.59
N TYR B 11 12.66 -21.66 -37.44
CA TYR B 11 12.02 -22.99 -37.58
C TYR B 11 10.49 -22.83 -37.63
N SER B 12 9.81 -23.86 -38.15
CA SER B 12 8.33 -23.93 -38.23
C SER B 12 7.81 -24.66 -36.98
N ARG B 13 6.61 -24.28 -36.54
CA ARG B 13 5.86 -24.97 -35.45
C ARG B 13 5.65 -26.43 -35.84
N HIS B 14 5.04 -26.67 -37.01
CA HIS B 14 4.74 -28.01 -37.57
C HIS B 14 5.68 -28.31 -38.73
N PRO B 15 5.92 -29.60 -39.06
CA PRO B 15 6.67 -29.96 -40.27
C PRO B 15 6.13 -29.20 -41.50
N ALA B 16 7.02 -28.57 -42.26
CA ALA B 16 6.70 -27.72 -43.42
C ALA B 16 6.04 -28.56 -44.52
N GLU B 17 4.88 -28.12 -45.01
CA GLU B 17 4.21 -28.64 -46.24
C GLU B 17 3.76 -27.45 -47.10
N ASN B 18 4.24 -27.37 -48.33
CA ASN B 18 3.99 -26.22 -49.25
C ASN B 18 2.48 -26.04 -49.39
N GLY B 19 1.99 -24.80 -49.21
CA GLY B 19 0.57 -24.43 -49.37
C GLY B 19 -0.27 -24.70 -48.12
N LYS B 20 0.33 -25.18 -47.02
CA LYS B 20 -0.37 -25.49 -45.75
C LYS B 20 -0.02 -24.45 -44.69
N SER B 21 -1.02 -23.83 -44.08
CA SER B 21 -0.87 -22.78 -43.03
C SER B 21 -0.04 -23.35 -41.86
N ASN B 22 0.90 -22.54 -41.37
CA ASN B 22 1.91 -22.96 -40.35
C ASN B 22 2.25 -21.71 -39.52
N PHE B 23 3.18 -21.84 -38.57
CA PHE B 23 3.77 -20.70 -37.82
C PHE B 23 5.28 -20.71 -38.00
N LEU B 24 5.87 -19.53 -38.26
CA LEU B 24 7.33 -19.30 -38.41
C LEU B 24 7.88 -18.76 -37.09
N ASN B 25 8.84 -19.45 -36.49
CA ASN B 25 9.42 -19.10 -35.17
C ASN B 25 10.83 -18.57 -35.35
N CYS B 26 11.19 -17.55 -34.58
CA CYS B 26 12.58 -17.11 -34.35
C CYS B 26 12.82 -17.04 -32.84
N TYR B 27 13.55 -18.02 -32.30
CA TYR B 27 13.88 -18.14 -30.86
C TYR B 27 15.27 -17.56 -30.64
N VAL B 28 15.34 -16.46 -29.89
CA VAL B 28 16.61 -15.71 -29.62
C VAL B 28 16.91 -15.84 -28.12
N SER B 29 18.06 -16.42 -27.77
CA SER B 29 18.46 -16.73 -26.37
C SER B 29 19.91 -16.33 -26.12
N GLY B 30 20.32 -16.29 -24.86
CA GLY B 30 21.73 -16.17 -24.45
C GLY B 30 22.29 -14.77 -24.58
N PHE B 31 21.43 -13.75 -24.72
CA PHE B 31 21.85 -12.35 -24.99
C PHE B 31 21.72 -11.47 -23.73
N HIS B 32 22.58 -10.46 -23.66
CA HIS B 32 22.61 -9.41 -22.62
C HIS B 32 23.40 -8.23 -23.17
N PRO B 33 22.95 -6.96 -23.04
CA PRO B 33 21.71 -6.59 -22.34
C PRO B 33 20.41 -6.88 -23.10
N SER B 34 19.27 -6.46 -22.56
CA SER B 34 17.90 -6.87 -22.97
C SER B 34 17.48 -6.21 -24.29
N ASP B 35 18.02 -5.02 -24.63
CA ASP B 35 17.66 -4.28 -25.87
C ASP B 35 18.02 -5.13 -27.08
N ILE B 36 17.05 -5.40 -27.95
CA ILE B 36 17.25 -6.26 -29.16
C ILE B 36 16.20 -5.90 -30.21
N GLU B 37 16.57 -6.02 -31.48
CA GLU B 37 15.69 -5.87 -32.66
C GLU B 37 15.61 -7.23 -33.35
N VAL B 38 14.39 -7.78 -33.46
CA VAL B 38 14.12 -9.07 -34.16
C VAL B 38 13.02 -8.81 -35.20
N ASP B 39 13.28 -9.22 -36.44
CA ASP B 39 12.31 -9.13 -37.56
C ASP B 39 12.28 -10.49 -38.28
N LEU B 40 11.08 -10.99 -38.57
CA LEU B 40 10.87 -12.13 -39.51
C LEU B 40 10.78 -11.55 -40.92
N LEU B 41 11.53 -12.13 -41.86
CA LEU B 41 11.64 -11.64 -43.26
C LEU B 41 10.97 -12.65 -44.20
N LYS B 42 10.27 -12.13 -45.22
CA LYS B 42 9.79 -12.90 -46.40
C LYS B 42 10.43 -12.26 -47.64
N ASN B 43 11.34 -13.00 -48.30
CA ASN B 43 12.09 -12.53 -49.49
C ASN B 43 12.77 -11.19 -49.15
N GLY B 44 13.41 -11.11 -47.98
CA GLY B 44 14.19 -9.94 -47.52
C GLY B 44 13.33 -8.82 -46.95
N GLU B 45 12.00 -8.93 -47.04
CA GLU B 45 11.05 -7.86 -46.62
C GLU B 45 10.54 -8.16 -45.21
N ARG B 46 10.50 -7.13 -44.35
CA ARG B 46 9.99 -7.24 -42.95
C ARG B 46 8.51 -7.64 -42.99
N ILE B 47 8.15 -8.70 -42.27
CA ILE B 47 6.73 -9.14 -42.06
C ILE B 47 6.12 -8.27 -40.96
N GLU B 48 4.96 -7.67 -41.22
CA GLU B 48 4.30 -6.64 -40.36
C GLU B 48 3.74 -7.30 -39.09
N LYS B 49 2.73 -8.16 -39.23
CA LYS B 49 2.02 -8.79 -38.08
C LYS B 49 2.92 -9.89 -37.49
N VAL B 50 3.80 -9.52 -36.56
CA VAL B 50 4.70 -10.45 -35.81
C VAL B 50 4.49 -10.20 -34.31
N GLU B 51 4.22 -11.27 -33.55
CA GLU B 51 4.05 -11.23 -32.08
C GLU B 51 5.33 -11.75 -31.42
N HIS B 52 5.49 -11.52 -30.13
CA HIS B 52 6.66 -12.01 -29.35
C HIS B 52 6.26 -12.28 -27.90
N SER B 53 6.96 -13.22 -27.26
CA SER B 53 6.78 -13.61 -25.84
C SER B 53 7.28 -12.46 -24.96
N ASP B 54 6.91 -12.48 -23.68
CA ASP B 54 7.34 -11.46 -22.69
C ASP B 54 8.78 -11.76 -22.29
N LEU B 55 9.59 -10.72 -22.08
CA LEU B 55 11.04 -10.84 -21.76
C LEU B 55 11.20 -11.69 -20.50
N SER B 56 11.99 -12.77 -20.62
CA SER B 56 12.42 -13.65 -19.50
C SER B 56 13.92 -13.93 -19.65
N PHE B 57 14.50 -14.69 -18.70
CA PHE B 57 15.95 -14.98 -18.67
C PHE B 57 16.22 -16.32 -17.98
N SER B 58 17.43 -16.84 -18.23
CA SER B 58 17.91 -18.17 -17.76
C SER B 58 18.71 -17.98 -16.47
N LYS B 59 19.24 -19.08 -15.91
CA LYS B 59 20.01 -19.10 -14.63
C LYS B 59 21.25 -18.20 -14.71
N ASP B 60 21.82 -18.01 -15.92
CA ASP B 60 23.03 -17.18 -16.13
C ASP B 60 22.66 -15.71 -16.37
N TRP B 61 21.37 -15.36 -16.26
CA TRP B 61 20.81 -13.98 -16.40
C TRP B 61 20.67 -13.56 -17.86
N SER B 62 21.06 -14.42 -18.81
CA SER B 62 20.95 -14.12 -20.26
C SER B 62 19.47 -14.21 -20.65
N PHE B 63 19.01 -13.29 -21.50
CA PHE B 63 17.58 -13.13 -21.88
C PHE B 63 17.22 -14.09 -23.02
N TYR B 64 15.93 -14.41 -23.15
CA TYR B 64 15.37 -15.14 -24.32
C TYR B 64 13.99 -14.57 -24.68
N LEU B 65 13.68 -14.60 -25.97
CA LEU B 65 12.41 -14.12 -26.57
C LEU B 65 12.01 -15.08 -27.71
N LEU B 66 10.72 -15.40 -27.84
CA LEU B 66 10.16 -16.05 -29.04
C LEU B 66 9.44 -14.99 -29.88
N TYR B 67 9.87 -14.83 -31.13
CA TYR B 67 9.15 -14.09 -32.20
C TYR B 67 8.49 -15.12 -33.12
N TYR B 68 7.24 -14.87 -33.52
CA TYR B 68 6.44 -15.81 -34.36
C TYR B 68 5.37 -15.06 -35.16
N THR B 69 5.00 -15.63 -36.31
CA THR B 69 3.89 -15.16 -37.18
C THR B 69 3.30 -16.36 -37.92
N GLU B 70 2.00 -16.28 -38.25
CA GLU B 70 1.34 -17.21 -39.21
C GLU B 70 2.02 -17.06 -40.56
N PHE B 71 2.36 -18.17 -41.22
CA PHE B 71 2.93 -18.18 -42.60
C PHE B 71 2.51 -19.46 -43.32
N THR B 72 2.46 -19.39 -44.65
CA THR B 72 2.18 -20.52 -45.56
C THR B 72 3.43 -20.77 -46.39
N PRO B 73 4.27 -21.76 -46.02
CA PRO B 73 5.48 -22.06 -46.79
C PRO B 73 5.14 -22.46 -48.23
N THR B 74 5.95 -21.97 -49.19
CA THR B 74 5.91 -22.32 -50.63
C THR B 74 7.29 -22.83 -51.04
N GLU B 75 7.43 -23.33 -52.26
CA GLU B 75 8.71 -23.84 -52.82
C GLU B 75 9.72 -22.69 -52.90
N LYS B 76 9.28 -21.51 -53.34
CA LYS B 76 10.16 -20.43 -53.87
C LYS B 76 10.39 -19.32 -52.84
N ASP B 77 9.44 -19.09 -51.91
CA ASP B 77 9.51 -17.97 -50.93
C ASP B 77 10.57 -18.27 -49.87
N GLU B 78 11.53 -17.35 -49.68
CA GLU B 78 12.63 -17.44 -48.68
C GLU B 78 12.17 -16.76 -47.39
N TYR B 79 12.24 -17.47 -46.28
CA TYR B 79 11.92 -16.97 -44.92
C TYR B 79 13.23 -16.91 -44.12
N ALA B 80 13.34 -15.92 -43.23
CA ALA B 80 14.56 -15.65 -42.44
C ALA B 80 14.21 -14.85 -41.19
N CYS B 81 15.14 -14.81 -40.23
CA CYS B 81 15.08 -13.97 -39.02
C CYS B 81 16.28 -13.00 -39.02
N ARG B 82 16.01 -11.71 -38.80
CA ARG B 82 17.05 -10.65 -38.71
C ARG B 82 17.14 -10.17 -37.27
N VAL B 83 18.31 -10.29 -36.64
CA VAL B 83 18.56 -9.91 -35.22
C VAL B 83 19.64 -8.83 -35.19
N ASN B 84 19.35 -7.70 -34.54
CA ASN B 84 20.37 -6.67 -34.19
C ASN B 84 20.50 -6.61 -32.67
N HIS B 85 21.76 -6.64 -32.20
CA HIS B 85 22.17 -6.57 -30.78
C HIS B 85 23.54 -5.89 -30.72
N VAL B 86 23.84 -5.17 -29.64
CA VAL B 86 25.12 -4.40 -29.47
C VAL B 86 26.32 -5.33 -29.65
N THR B 87 26.19 -6.61 -29.26
CA THR B 87 27.29 -7.62 -29.30
C THR B 87 27.58 -8.08 -30.73
N LEU B 88 26.64 -7.88 -31.67
CA LEU B 88 26.76 -8.29 -33.09
C LEU B 88 27.47 -7.17 -33.89
N SER B 89 28.44 -7.55 -34.72
CA SER B 89 29.13 -6.68 -35.70
C SER B 89 28.11 -6.12 -36.70
N GLN B 90 27.28 -7.01 -37.26
CA GLN B 90 26.25 -6.71 -38.27
C GLN B 90 24.93 -7.29 -37.80
N PRO B 91 23.76 -6.74 -38.22
CA PRO B 91 22.50 -7.45 -38.07
C PRO B 91 22.64 -8.87 -38.65
N LYS B 92 22.37 -9.89 -37.85
CA LYS B 92 22.53 -11.33 -38.22
C LYS B 92 21.22 -11.80 -38.88
N ILE B 93 21.29 -12.21 -40.14
CA ILE B 93 20.16 -12.83 -40.90
C ILE B 93 20.37 -14.35 -40.90
N VAL B 94 19.45 -15.10 -40.29
CA VAL B 94 19.45 -16.59 -40.31
C VAL B 94 18.30 -17.03 -41.21
N LYS B 95 18.62 -17.73 -42.29
CA LYS B 95 17.61 -18.25 -43.26
C LYS B 95 16.91 -19.46 -42.63
N TRP B 96 15.59 -19.56 -42.81
CA TRP B 96 14.80 -20.76 -42.43
C TRP B 96 15.24 -21.94 -43.30
N ASP B 97 15.78 -22.99 -42.68
CA ASP B 97 16.13 -24.27 -43.34
C ASP B 97 15.14 -25.34 -42.88
N ARG B 98 14.08 -25.58 -43.66
CA ARG B 98 12.99 -26.55 -43.33
C ARG B 98 13.62 -27.93 -43.10
N ASP B 99 14.52 -28.36 -43.99
CA ASP B 99 15.26 -29.66 -43.90
C ASP B 99 16.26 -29.58 -42.74
N GLU C 1 0.97 -16.79 -7.14
CA GLU C 1 0.81 -15.55 -6.33
C GLU C 1 2.20 -14.94 -6.04
N LEU C 2 2.34 -13.63 -6.24
CA LEU C 2 3.62 -12.87 -6.10
C LEU C 2 4.07 -12.85 -4.64
N PHE C 3 5.39 -12.78 -4.43
CA PHE C 3 6.05 -12.42 -3.14
C PHE C 3 5.79 -10.94 -2.87
N SER C 4 5.51 -10.55 -1.61
CA SER C 4 5.03 -9.19 -1.26
C SER C 4 5.79 -8.55 -0.09
N TYR C 5 6.80 -9.21 0.51
CA TYR C 5 7.59 -8.62 1.64
C TYR C 5 8.81 -7.89 1.06
N LEU C 6 8.55 -6.68 0.53
CA LEU C 6 9.52 -5.92 -0.32
C LEU C 6 10.39 -5.02 0.57
N ILE C 7 11.68 -5.30 0.61
CA ILE C 7 12.71 -4.49 1.33
C ILE C 7 13.67 -3.91 0.28
N GLU C 8 13.85 -2.58 0.31
CA GLU C 8 14.76 -1.85 -0.61
C GLU C 8 16.19 -2.33 -0.38
N LYS C 9 17.01 -2.30 -1.43
CA LYS C 9 18.42 -2.76 -1.42
C LYS C 9 19.31 -1.62 -0.88
N ALA D 2 -8.24 -6.99 -1.43
CA ALA D 2 -7.63 -5.71 -0.97
C ALA D 2 -7.44 -5.74 0.55
N GLN D 3 -6.88 -4.68 1.12
CA GLN D 3 -6.73 -4.52 2.59
C GLN D 3 -7.92 -3.72 3.12
N GLU D 4 -8.77 -4.36 3.91
CA GLU D 4 -9.89 -3.73 4.67
C GLU D 4 -9.63 -3.95 6.16
N VAL D 5 -9.41 -2.86 6.90
CA VAL D 5 -9.19 -2.88 8.38
C VAL D 5 -10.49 -2.45 9.05
N THR D 6 -10.94 -3.22 10.05
CA THR D 6 -12.23 -3.05 10.77
C THR D 6 -11.95 -3.02 12.28
N GLN D 7 -12.64 -2.13 13.01
CA GLN D 7 -12.58 -2.00 14.49
C GLN D 7 -14.01 -1.98 15.04
N ILE D 8 -14.49 -3.13 15.54
CA ILE D 8 -15.84 -3.32 16.14
C ILE D 8 -15.66 -3.77 17.59
N PRO D 9 -16.27 -3.08 18.59
CA PRO D 9 -17.14 -1.94 18.36
C PRO D 9 -16.42 -0.63 18.02
N ALA D 10 -17.17 0.34 17.47
CA ALA D 10 -16.71 1.67 17.02
C ALA D 10 -16.69 2.66 18.19
N ALA D 11 -17.40 2.34 19.28
CA ALA D 11 -17.46 3.15 20.52
C ALA D 11 -17.53 2.22 21.73
N LEU D 12 -16.82 2.56 22.82
CA LEU D 12 -16.80 1.78 24.08
C LEU D 12 -16.85 2.75 25.27
N SER D 13 -17.71 2.46 26.25
CA SER D 13 -17.79 3.13 27.57
C SER D 13 -17.51 2.10 28.67
N VAL D 14 -16.62 2.43 29.60
CA VAL D 14 -16.16 1.51 30.70
C VAL D 14 -15.86 2.34 31.94
N PRO D 15 -16.19 1.83 33.16
CA PRO D 15 -15.79 2.50 34.40
C PRO D 15 -14.26 2.52 34.58
N GLU D 16 -13.69 3.62 35.10
CA GLU D 16 -12.24 3.75 35.38
C GLU D 16 -11.84 2.67 36.41
N GLY D 17 -10.61 2.16 36.31
CA GLY D 17 -10.09 1.04 37.11
C GLY D 17 -10.23 -0.29 36.39
N GLU D 18 -11.24 -0.42 35.52
CA GLU D 18 -11.59 -1.70 34.82
C GLU D 18 -10.68 -1.90 33.61
N ASN D 19 -10.33 -3.16 33.32
CA ASN D 19 -9.54 -3.58 32.12
C ASN D 19 -10.47 -3.67 30.92
N LEU D 20 -9.96 -3.39 29.72
CA LEU D 20 -10.76 -3.33 28.46
C LEU D 20 -9.93 -3.84 27.29
N VAL D 21 -10.61 -4.36 26.27
CA VAL D 21 -10.02 -4.83 24.98
C VAL D 21 -10.62 -4.02 23.83
N LEU D 22 -9.76 -3.47 22.97
CA LEU D 22 -10.15 -2.82 21.69
C LEU D 22 -9.77 -3.78 20.54
N ASN D 23 -10.70 -4.00 19.60
CA ASN D 23 -10.59 -5.04 18.56
C ASN D 23 -10.12 -4.42 17.24
N CYS D 24 -9.36 -5.19 16.46
CA CYS D 24 -8.93 -4.85 15.07
C CYS D 24 -8.84 -6.15 14.26
N SER D 25 -9.45 -6.15 13.07
CA SER D 25 -9.35 -7.24 12.07
C SER D 25 -8.92 -6.65 10.73
N PHE D 26 -8.16 -7.42 9.95
CA PHE D 26 -7.68 -7.04 8.59
C PHE D 26 -7.73 -8.27 7.68
N THR D 27 -8.05 -8.06 6.40
CA THR D 27 -8.38 -9.09 5.39
C THR D 27 -7.11 -9.66 4.75
N ASP D 28 -6.00 -8.92 4.76
CA ASP D 28 -4.70 -9.35 4.15
C ASP D 28 -3.65 -9.51 5.27
N SER D 29 -3.33 -10.76 5.61
CA SER D 29 -2.43 -11.14 6.73
C SER D 29 -0.95 -10.98 6.34
N ALA D 30 -0.65 -10.76 5.05
CA ALA D 30 0.71 -10.48 4.54
C ALA D 30 1.05 -9.00 4.81
N ILE D 31 1.70 -8.71 5.95
CA ILE D 31 1.94 -7.32 6.45
C ILE D 31 3.42 -7.13 6.81
N TYR D 32 3.87 -5.87 6.78
CA TYR D 32 5.18 -5.42 7.34
C TYR D 32 5.08 -5.35 8.85
N ASN D 33 4.05 -4.65 9.34
CA ASN D 33 3.88 -4.30 10.78
C ASN D 33 2.44 -3.82 11.00
N LEU D 34 1.99 -3.84 12.26
CA LEU D 34 0.67 -3.32 12.71
C LEU D 34 0.90 -2.24 13.77
N GLN D 35 0.16 -1.14 13.69
CA GLN D 35 0.35 0.08 14.52
C GLN D 35 -0.96 0.42 15.23
N TRP D 36 -0.90 0.69 16.54
CA TRP D 36 -2.02 1.30 17.31
C TRP D 36 -1.67 2.77 17.61
N PHE D 37 -2.57 3.69 17.23
CA PHE D 37 -2.42 5.15 17.43
C PHE D 37 -3.44 5.63 18.47
N ARG D 38 -3.10 6.74 19.14
CA ARG D 38 -4.06 7.57 19.94
C ARG D 38 -4.29 8.89 19.19
N GLN D 39 -5.54 9.34 19.14
CA GLN D 39 -5.91 10.67 18.57
C GLN D 39 -6.84 11.39 19.55
N ASP D 40 -6.41 12.54 20.06
CA ASP D 40 -7.25 13.45 20.89
C ASP D 40 -8.04 14.34 19.95
N PRO D 41 -9.23 14.85 20.36
CA PRO D 41 -10.09 15.63 19.48
C PRO D 41 -9.37 16.85 18.86
N GLY D 42 -9.45 17.00 17.54
CA GLY D 42 -8.89 18.13 16.77
C GLY D 42 -7.37 18.08 16.69
N LYS D 43 -6.74 16.96 17.05
CA LYS D 43 -5.27 16.79 17.08
C LYS D 43 -4.84 15.70 16.08
N GLY D 44 -3.52 15.50 15.94
CA GLY D 44 -2.91 14.50 15.06
C GLY D 44 -2.77 13.14 15.75
N LEU D 45 -1.88 12.29 15.23
CA LEU D 45 -1.69 10.88 15.67
C LEU D 45 -0.48 10.79 16.61
N THR D 46 -0.58 9.94 17.63
CA THR D 46 0.55 9.49 18.49
C THR D 46 0.66 7.97 18.39
N SER D 47 1.79 7.45 17.90
CA SER D 47 2.10 6.00 17.84
C SER D 47 2.27 5.47 19.26
N LEU D 48 1.40 4.55 19.69
CA LEU D 48 1.44 3.90 21.02
C LEU D 48 2.33 2.65 20.95
N LEU D 49 2.04 1.77 19.99
CA LEU D 49 2.76 0.48 19.78
C LEU D 49 2.90 0.20 18.29
N LEU D 50 4.04 -0.39 17.90
CA LEU D 50 4.30 -0.90 16.53
C LEU D 50 4.75 -2.37 16.64
N ILE D 51 3.90 -3.30 16.21
CA ILE D 51 4.18 -4.77 16.20
C ILE D 51 4.70 -5.15 14.80
N GLN D 52 5.87 -5.79 14.74
CA GLN D 52 6.48 -6.30 13.48
C GLN D 52 5.78 -7.60 13.09
N SER D 53 5.88 -7.99 11.81
CA SER D 53 5.23 -9.19 11.22
C SER D 53 5.63 -10.47 11.98
N SER D 54 6.87 -10.54 12.45
CA SER D 54 7.45 -11.70 13.19
C SER D 54 7.06 -11.66 14.67
N GLN D 55 6.82 -10.47 15.23
CA GLN D 55 6.49 -10.26 16.67
C GLN D 55 5.03 -10.67 16.93
N ARG D 56 4.74 -11.18 18.14
CA ARG D 56 3.41 -11.70 18.55
C ARG D 56 2.70 -10.70 19.49
N GLU D 57 3.45 -9.81 20.16
CA GLU D 57 2.88 -8.76 21.05
C GLU D 57 3.92 -7.69 21.36
N GLN D 58 3.46 -6.50 21.77
CA GLN D 58 4.29 -5.37 22.28
C GLN D 58 3.61 -4.79 23.52
N THR D 59 4.40 -4.26 24.46
CA THR D 59 3.94 -3.73 25.76
C THR D 59 4.60 -2.37 26.04
N SER D 60 3.80 -1.39 26.49
CA SER D 60 4.28 -0.09 27.04
C SER D 60 3.41 0.30 28.24
N GLY D 61 3.86 -0.07 29.45
CA GLY D 61 3.14 0.18 30.71
C GLY D 61 1.82 -0.57 30.76
N ARG D 62 0.70 0.15 30.76
CA ARG D 62 -0.67 -0.39 30.92
C ARG D 62 -1.23 -0.82 29.55
N LEU D 63 -0.53 -0.47 28.46
CA LEU D 63 -0.89 -0.85 27.07
C LEU D 63 -0.20 -2.18 26.72
N ASN D 64 -0.97 -3.11 26.15
CA ASN D 64 -0.48 -4.38 25.54
C ASN D 64 -1.28 -4.68 24.27
N ALA D 65 -0.61 -4.83 23.13
CA ALA D 65 -1.21 -5.19 21.83
C ALA D 65 -0.67 -6.54 21.37
N SER D 66 -1.55 -7.42 20.86
CA SER D 66 -1.22 -8.76 20.32
C SER D 66 -1.45 -8.79 18.80
N LEU D 67 -0.98 -9.84 18.13
CA LEU D 67 -1.09 -10.02 16.66
C LEU D 67 -1.34 -11.50 16.34
N ASP D 68 -2.38 -11.79 15.57
CA ASP D 68 -2.71 -13.15 15.04
C ASP D 68 -3.01 -13.03 13.54
N LYS D 69 -2.04 -13.41 12.70
CA LYS D 69 -2.12 -13.33 11.22
C LYS D 69 -2.94 -14.50 10.67
N SER D 70 -3.00 -15.63 11.40
CA SER D 70 -3.74 -16.86 11.00
C SER D 70 -5.25 -16.58 10.95
N SER D 71 -5.74 -15.65 11.77
CA SER D 71 -7.15 -15.17 11.80
C SER D 71 -7.25 -13.70 11.37
N GLY D 72 -6.11 -13.03 11.14
CA GLY D 72 -6.03 -11.63 10.72
C GLY D 72 -6.67 -10.69 11.74
N ARG D 73 -6.19 -10.74 12.98
CA ARG D 73 -6.76 -10.00 14.13
C ARG D 73 -5.63 -9.40 14.99
N SER D 74 -5.89 -8.25 15.60
CA SER D 74 -5.07 -7.63 16.67
C SER D 74 -5.98 -6.99 17.71
N THR D 75 -5.72 -7.26 18.99
CA THR D 75 -6.47 -6.68 20.14
C THR D 75 -5.48 -5.83 20.95
N LEU D 76 -5.91 -4.64 21.36
CA LEU D 76 -5.16 -3.75 22.30
C LEU D 76 -5.79 -3.87 23.68
N TYR D 77 -5.04 -4.39 24.66
CA TYR D 77 -5.43 -4.54 26.08
C TYR D 77 -4.94 -3.30 26.84
N ILE D 78 -5.84 -2.66 27.61
CA ILE D 78 -5.52 -1.51 28.52
C ILE D 78 -5.89 -1.92 29.95
N ALA D 79 -4.89 -1.99 30.83
CA ALA D 79 -5.03 -2.34 32.26
C ALA D 79 -5.38 -1.09 33.07
N ALA D 80 -6.10 -1.28 34.19
CA ALA D 80 -6.46 -0.26 35.20
C ALA D 80 -6.80 1.08 34.52
N SER D 81 -7.84 1.08 33.67
CA SER D 81 -8.21 2.22 32.79
C SER D 81 -8.45 3.48 33.62
N GLN D 82 -8.02 4.63 33.09
CA GLN D 82 -8.11 5.97 33.76
C GLN D 82 -8.83 6.93 32.81
N PRO D 83 -9.55 7.94 33.34
CA PRO D 83 -10.24 8.93 32.50
C PRO D 83 -9.37 9.55 31.39
N GLY D 84 -8.06 9.66 31.62
CA GLY D 84 -7.07 10.20 30.67
C GLY D 84 -6.84 9.29 29.48
N ASP D 85 -7.26 8.02 29.57
CA ASP D 85 -7.20 7.03 28.45
C ASP D 85 -8.26 7.36 27.41
N SER D 86 -9.30 8.12 27.78
CA SER D 86 -10.43 8.53 26.90
C SER D 86 -9.88 9.28 25.67
N ALA D 87 -10.03 8.67 24.49
CA ALA D 87 -9.55 9.19 23.19
C ALA D 87 -10.05 8.27 22.06
N THR D 88 -9.70 8.59 20.82
CA THR D 88 -9.92 7.71 19.64
C THR D 88 -8.67 6.86 19.43
N TYR D 89 -8.85 5.54 19.32
CA TYR D 89 -7.76 4.56 19.09
C TYR D 89 -7.91 4.00 17.67
N LEU D 90 -6.90 4.26 16.82
CA LEU D 90 -6.87 3.82 15.40
C LEU D 90 -5.90 2.65 15.26
N CYS D 91 -6.37 1.55 14.65
CA CYS D 91 -5.57 0.39 14.20
C CYS D 91 -5.19 0.60 12.74
N ALA D 92 -3.92 0.38 12.38
CA ALA D 92 -3.38 0.54 11.01
C ALA D 92 -2.40 -0.60 10.72
N VAL D 93 -2.51 -1.19 9.53
CA VAL D 93 -1.61 -2.29 9.06
C VAL D 93 -0.92 -1.83 7.77
N ASN D 94 0.40 -2.00 7.72
CA ASN D 94 1.26 -1.62 6.58
C ASN D 94 1.61 -2.89 5.79
N ASN D 95 1.44 -2.86 4.48
CA ASN D 95 1.92 -3.92 3.55
C ASN D 95 2.31 -3.26 2.22
N ALA D 96 3.01 -4.00 1.35
CA ALA D 96 3.57 -3.50 0.08
C ALA D 96 2.44 -3.01 -0.83
N GLY D 97 1.36 -3.79 -0.95
CA GLY D 97 0.28 -3.56 -1.93
C GLY D 97 -0.58 -2.35 -1.59
N ASN D 98 -0.88 -2.13 -0.31
CA ASN D 98 -1.88 -1.11 0.13
C ASN D 98 -1.22 0.00 0.97
N MET D 99 0.01 -0.21 1.43
CA MET D 99 0.73 0.72 2.35
C MET D 99 -0.07 0.86 3.65
N LEU D 100 0.25 1.83 4.52
CA LEU D 100 -0.38 1.97 5.87
C LEU D 100 -1.89 2.19 5.68
N THR D 101 -2.69 1.19 6.10
CA THR D 101 -4.17 1.15 5.92
C THR D 101 -4.82 1.20 7.31
N PHE D 102 -5.73 2.14 7.52
CA PHE D 102 -6.35 2.47 8.83
C PHE D 102 -7.73 1.82 8.95
N GLY D 103 -8.07 1.34 10.15
CA GLY D 103 -9.46 1.03 10.54
C GLY D 103 -10.24 2.30 10.79
N GLY D 104 -11.56 2.19 11.04
CA GLY D 104 -12.46 3.32 11.30
C GLY D 104 -12.24 3.92 12.69
N GLY D 105 -11.54 3.21 13.58
CA GLY D 105 -11.20 3.68 14.93
C GLY D 105 -12.25 3.27 15.96
N THR D 106 -11.87 3.24 17.24
CA THR D 106 -12.80 3.06 18.40
C THR D 106 -12.67 4.27 19.32
N ARG D 107 -13.78 4.98 19.53
CA ARG D 107 -13.87 6.11 20.49
C ARG D 107 -14.05 5.53 21.90
N LEU D 108 -13.00 5.57 22.73
CA LEU D 108 -13.01 5.07 24.13
C LEU D 108 -13.39 6.22 25.07
N MET D 109 -14.38 5.99 25.94
CA MET D 109 -14.78 6.91 27.05
C MET D 109 -14.66 6.15 28.37
N VAL D 110 -13.57 6.38 29.13
CA VAL D 110 -13.38 5.84 30.50
C VAL D 110 -14.17 6.73 31.47
N LYS D 111 -15.25 6.20 32.04
CA LYS D 111 -16.22 6.93 32.91
C LYS D 111 -15.63 7.02 34.33
N PRO D 112 -15.38 8.24 34.86
CA PRO D 112 -14.91 8.40 36.24
C PRO D 112 -15.89 7.87 37.30
N HIS D 113 -15.35 7.30 38.37
CA HIS D 113 -16.09 6.86 39.58
C HIS D 113 -16.55 8.10 40.35
N ILE D 114 -17.86 8.26 40.54
CA ILE D 114 -18.47 9.34 41.37
C ILE D 114 -18.77 8.75 42.75
N GLN D 115 -17.86 8.96 43.71
CA GLN D 115 -17.91 8.39 45.09
C GLN D 115 -19.23 8.81 45.76
N ASN D 116 -19.56 10.10 45.74
CA ASN D 116 -20.72 10.67 46.47
C ASN D 116 -21.60 11.47 45.51
N PRO D 117 -22.43 10.81 44.68
CA PRO D 117 -23.31 11.52 43.74
C PRO D 117 -24.37 12.32 44.49
N ASP D 118 -24.67 13.53 44.00
CA ASP D 118 -25.61 14.49 44.63
C ASP D 118 -26.31 15.27 43.51
N PRO D 119 -27.08 14.58 42.63
CA PRO D 119 -27.61 15.21 41.42
C PRO D 119 -28.51 16.40 41.75
N ALA D 120 -28.22 17.56 41.16
CA ALA D 120 -28.97 18.83 41.37
C ALA D 120 -28.93 19.67 40.09
N VAL D 121 -29.88 20.58 39.94
CA VAL D 121 -29.94 21.59 38.84
C VAL D 121 -29.85 22.97 39.49
N TYR D 122 -28.98 23.83 38.95
CA TYR D 122 -28.70 25.20 39.47
C TYR D 122 -28.87 26.21 38.33
N GLN D 123 -29.29 27.43 38.67
CA GLN D 123 -29.46 28.57 37.73
C GLN D 123 -28.29 29.55 37.92
N LEU D 124 -27.58 29.87 36.85
CA LEU D 124 -26.39 30.77 36.83
C LEU D 124 -26.71 32.02 36.02
N ARG D 125 -26.49 33.21 36.59
CA ARG D 125 -26.71 34.52 35.91
C ARG D 125 -25.42 34.93 35.18
N ASP D 126 -25.55 35.75 34.14
CA ASP D 126 -24.44 36.31 33.32
C ASP D 126 -23.58 37.21 34.19
N SER D 127 -22.24 37.14 34.05
CA SER D 127 -21.26 37.98 34.78
C SER D 127 -21.33 39.43 34.30
N LYS D 128 -21.73 39.65 33.04
CA LYS D 128 -22.06 40.99 32.48
C LYS D 128 -23.53 41.30 32.82
N SER D 129 -23.88 42.58 32.89
CA SER D 129 -25.17 43.08 33.44
C SER D 129 -26.29 42.93 32.42
N SER D 130 -26.48 41.72 31.87
CA SER D 130 -27.61 41.32 31.01
C SER D 130 -28.60 40.49 31.85
N ASP D 131 -29.73 40.10 31.25
CA ASP D 131 -30.77 39.27 31.90
C ASP D 131 -30.63 37.81 31.46
N LYS D 132 -29.53 37.47 30.77
CA LYS D 132 -29.25 36.10 30.28
C LYS D 132 -28.84 35.20 31.46
N SER D 133 -29.28 33.94 31.44
CA SER D 133 -28.93 32.89 32.44
C SER D 133 -28.87 31.51 31.76
N VAL D 134 -28.19 30.55 32.39
CA VAL D 134 -28.12 29.12 31.94
C VAL D 134 -28.50 28.22 33.12
N CYS D 135 -28.84 26.97 32.84
CA CYS D 135 -29.11 25.90 33.85
C CYS D 135 -27.96 24.89 33.82
N LEU D 136 -27.47 24.52 35.00
CA LEU D 136 -26.38 23.52 35.18
C LEU D 136 -26.94 22.29 35.90
N PHE D 137 -26.94 21.14 35.23
CA PHE D 137 -27.20 19.81 35.83
C PHE D 137 -25.83 19.21 36.17
N THR D 138 -25.56 18.94 37.45
CA THR D 138 -24.21 18.54 37.96
C THR D 138 -24.35 17.53 39.11
N ASP D 139 -23.26 16.79 39.36
CA ASP D 139 -23.08 15.89 40.54
C ASP D 139 -23.95 14.64 40.39
N PHE D 140 -24.32 14.27 39.17
CA PHE D 140 -25.02 12.98 38.85
C PHE D 140 -23.95 11.91 38.61
N ASP D 141 -24.31 10.64 38.77
CA ASP D 141 -23.39 9.48 38.59
C ASP D 141 -23.12 9.28 37.10
N SER D 142 -22.02 8.60 36.77
CA SER D 142 -21.55 8.35 35.39
C SER D 142 -22.47 7.36 34.66
N GLN D 143 -23.42 6.74 35.39
CA GLN D 143 -24.43 5.81 34.85
C GLN D 143 -25.62 6.60 34.28
N THR D 144 -25.68 7.91 34.53
CA THR D 144 -26.73 8.84 34.01
C THR D 144 -26.26 9.47 32.71
N ASN D 145 -27.09 9.41 31.66
CA ASN D 145 -26.86 10.03 30.33
C ASN D 145 -27.83 11.21 30.16
N VAL D 146 -27.40 12.24 29.42
CA VAL D 146 -28.24 13.44 29.07
C VAL D 146 -28.59 13.36 27.58
N SER D 147 -29.88 13.46 27.25
CA SER D 147 -30.43 13.29 25.88
C SER D 147 -30.63 14.64 25.20
N GLN D 148 -30.76 14.63 23.87
CA GLN D 148 -31.08 15.81 23.02
C GLN D 148 -32.38 16.45 23.53
N SER D 149 -32.52 17.76 23.36
CA SER D 149 -33.78 18.51 23.65
C SER D 149 -34.84 18.14 22.59
N LYS D 150 -36.06 17.82 23.04
CA LYS D 150 -37.24 17.56 22.17
C LYS D 150 -38.02 18.88 21.96
N ASP D 151 -37.41 20.01 22.33
CA ASP D 151 -37.96 21.38 22.12
C ASP D 151 -36.87 22.21 21.43
N SER D 152 -37.17 22.77 20.25
CA SER D 152 -36.22 23.53 19.39
C SER D 152 -35.81 24.85 20.05
N ASP D 153 -36.67 25.40 20.93
CA ASP D 153 -36.44 26.70 21.62
C ASP D 153 -35.52 26.51 22.84
N VAL D 154 -35.26 25.25 23.26
CA VAL D 154 -34.44 24.91 24.45
C VAL D 154 -33.21 24.11 23.98
N TYR D 155 -32.00 24.59 24.30
CA TYR D 155 -30.72 23.94 23.96
C TYR D 155 -30.21 23.17 25.20
N ILE D 156 -29.83 21.91 25.00
CA ILE D 156 -29.27 21.02 26.06
C ILE D 156 -28.00 20.38 25.52
N THR D 157 -26.90 20.47 26.27
CA THR D 157 -25.57 19.92 25.89
C THR D 157 -25.51 18.44 26.29
N ASP D 158 -24.57 17.70 25.71
CA ASP D 158 -24.11 16.38 26.20
C ASP D 158 -23.47 16.60 27.58
N LYS D 159 -23.01 15.53 28.23
CA LYS D 159 -22.26 15.61 29.51
C LYS D 159 -20.76 15.63 29.21
N CYS D 160 -19.95 16.12 30.15
CA CYS D 160 -18.46 15.92 30.23
C CYS D 160 -18.04 15.72 31.69
N LEU D 162 -15.13 16.44 34.56
CA LEU D 162 -14.58 17.50 35.47
C LEU D 162 -13.91 16.83 36.67
N ASP D 163 -12.59 16.97 36.78
CA ASP D 163 -11.75 16.37 37.86
C ASP D 163 -10.99 17.49 38.59
N MET D 164 -11.51 17.92 39.74
CA MET D 164 -10.87 18.93 40.63
C MET D 164 -9.73 18.24 41.41
N ARG D 165 -8.54 18.18 40.82
CA ARG D 165 -7.37 17.43 41.36
C ARG D 165 -6.70 18.27 42.46
N LYS D 170 -14.17 14.20 41.32
CA LYS D 170 -14.68 14.10 39.93
C LYS D 170 -16.16 14.48 39.89
N SER D 171 -16.59 15.18 38.82
CA SER D 171 -17.95 15.76 38.68
C SER D 171 -18.39 15.73 37.21
N ASN D 172 -19.55 15.12 36.93
CA ASN D 172 -20.25 15.18 35.62
C ASN D 172 -21.13 16.43 35.59
N SER D 173 -21.38 16.99 34.40
CA SER D 173 -22.27 18.17 34.21
C SER D 173 -22.81 18.21 32.79
N ALA D 174 -24.01 18.81 32.63
CA ALA D 174 -24.61 19.23 31.35
C ALA D 174 -25.22 20.62 31.53
N VAL D 175 -25.40 21.35 30.43
CA VAL D 175 -25.89 22.75 30.42
C VAL D 175 -27.18 22.82 29.57
N ALA D 176 -28.13 23.64 30.01
CA ALA D 176 -29.36 23.98 29.25
C ALA D 176 -29.55 25.50 29.26
N TRP D 177 -30.03 26.06 28.16
CA TRP D 177 -30.35 27.51 28.04
C TRP D 177 -31.43 27.73 26.97
N SER D 178 -32.08 28.90 27.02
CA SER D 178 -33.19 29.30 26.13
C SER D 178 -33.45 30.80 26.26
N ASN D 179 -33.99 31.41 25.21
CA ASN D 179 -34.39 32.85 25.17
C ASN D 179 -35.84 32.98 25.65
N LYS D 180 -36.56 31.85 25.75
CA LYS D 180 -37.95 31.78 26.30
C LYS D 180 -37.94 32.33 27.73
N SER D 181 -38.89 33.21 28.05
CA SER D 181 -39.02 33.88 29.37
C SER D 181 -39.63 32.92 30.41
N ASP D 182 -40.48 32.00 29.96
CA ASP D 182 -41.20 31.02 30.82
C ASP D 182 -40.29 29.84 31.15
N PHE D 183 -39.17 29.69 30.45
CA PHE D 183 -38.15 28.62 30.64
C PHE D 183 -37.65 28.62 32.10
N ALA D 184 -37.90 27.53 32.82
CA ALA D 184 -37.50 27.34 34.24
C ALA D 184 -36.48 26.21 34.32
N CYS D 185 -35.41 26.41 35.11
CA CYS D 185 -34.29 25.44 35.27
C CYS D 185 -34.79 24.16 35.95
N ALA D 186 -35.75 24.28 36.87
CA ALA D 186 -36.40 23.14 37.57
C ALA D 186 -37.01 22.17 36.55
N ASN D 187 -37.56 22.67 35.43
CA ASN D 187 -38.26 21.87 34.38
C ASN D 187 -37.46 21.90 33.08
N ALA D 188 -36.12 21.94 33.15
CA ALA D 188 -35.22 22.14 31.99
C ALA D 188 -34.79 20.80 31.38
N PHE D 189 -34.39 19.85 32.23
CA PHE D 189 -33.57 18.66 31.83
C PHE D 189 -34.44 17.42 31.62
N ASN D 190 -33.98 16.56 30.72
CA ASN D 190 -34.59 15.25 30.36
C ASN D 190 -33.45 14.23 30.14
N ASN D 191 -33.22 13.34 31.11
CA ASN D 191 -31.99 12.51 31.22
C ASN D 191 -32.38 11.03 31.42
N SER D 192 -31.46 10.13 31.09
CA SER D 192 -31.63 8.65 31.15
C SER D 192 -30.77 8.07 32.27
N GLY E 4 11.07 16.99 11.36
CA GLY E 4 10.16 15.96 10.79
C GLY E 4 9.46 16.46 9.54
N VAL E 5 8.13 16.29 9.48
CA VAL E 5 7.26 16.69 8.34
C VAL E 5 6.51 17.97 8.69
N THR E 6 6.69 19.02 7.88
CA THR E 6 5.99 20.33 8.02
C THR E 6 4.94 20.46 6.91
N GLN E 7 3.65 20.58 7.27
CA GLN E 7 2.55 20.86 6.31
C GLN E 7 1.87 22.18 6.69
N THR E 8 1.47 22.96 5.69
CA THR E 8 0.76 24.25 5.83
C THR E 8 -0.36 24.32 4.80
N PRO E 9 -1.47 25.06 5.06
CA PRO E 9 -1.68 25.73 6.34
C PRO E 9 -2.22 24.77 7.41
N LYS E 10 -2.37 25.24 8.64
CA LYS E 10 -3.00 24.49 9.76
C LYS E 10 -4.51 24.41 9.51
N PHE E 11 -5.09 25.48 8.96
CA PHE E 11 -6.54 25.64 8.74
C PHE E 11 -6.79 26.51 7.51
N ARG E 12 -7.91 26.31 6.83
CA ARG E 12 -8.34 27.15 5.68
C ARG E 12 -9.84 26.95 5.41
N ILE E 13 -10.57 28.07 5.27
CA ILE E 13 -11.96 28.10 4.73
C ILE E 13 -11.87 28.36 3.22
N LEU E 14 -12.50 27.51 2.42
CA LEU E 14 -12.60 27.66 0.94
C LEU E 14 -14.08 27.82 0.55
N LYS E 15 -14.39 28.79 -0.31
CA LYS E 15 -15.70 28.86 -1.00
C LYS E 15 -15.74 27.73 -2.03
N ILE E 16 -16.93 27.19 -2.32
CA ILE E 16 -17.14 26.19 -3.41
C ILE E 16 -16.52 26.78 -4.69
N GLY E 17 -15.68 26.00 -5.38
CA GLY E 17 -15.08 26.36 -6.68
C GLY E 17 -13.70 26.98 -6.55
N GLN E 18 -13.31 27.45 -5.35
CA GLN E 18 -11.98 28.05 -5.10
C GLN E 18 -10.92 26.95 -5.13
N SER E 19 -9.71 27.29 -5.57
CA SER E 19 -8.51 26.41 -5.58
C SER E 19 -7.65 26.71 -4.35
N MET E 20 -6.83 25.74 -3.95
CA MET E 20 -5.76 25.95 -2.94
C MET E 20 -4.71 24.83 -3.08
N THR E 21 -3.51 25.07 -2.55
CA THR E 21 -2.41 24.09 -2.47
C THR E 21 -2.05 23.90 -0.99
N LEU E 22 -2.04 22.65 -0.53
CA LEU E 22 -1.48 22.25 0.79
C LEU E 22 0.00 21.94 0.58
N GLN E 23 0.89 22.64 1.30
CA GLN E 23 2.35 22.39 1.23
C GLN E 23 2.68 21.28 2.24
N CYS E 24 3.66 20.43 1.89
CA CYS E 24 4.22 19.36 2.76
C CYS E 24 5.70 19.18 2.44
N THR E 25 6.57 19.43 3.43
CA THR E 25 8.04 19.42 3.28
C THR E 25 8.68 18.52 4.36
N GLN E 26 9.76 17.83 3.99
CA GLN E 26 10.64 17.08 4.91
C GLN E 26 12.08 17.19 4.38
N ASP E 27 13.05 17.34 5.27
CA ASP E 27 14.50 17.49 4.93
C ASP E 27 15.25 16.24 5.39
N MET E 28 14.57 15.09 5.42
CA MET E 28 15.11 13.80 5.93
C MET E 28 15.55 12.92 4.76
N ASN E 29 15.41 13.41 3.52
CA ASN E 29 15.85 12.72 2.28
C ASN E 29 14.96 11.48 2.06
N HIS E 30 13.77 11.46 2.67
CA HIS E 30 12.78 10.35 2.56
C HIS E 30 12.27 10.25 1.11
N ASN E 31 12.37 9.06 0.52
CA ASN E 31 11.88 8.76 -0.85
C ASN E 31 10.35 8.73 -0.85
N TYR E 32 9.73 8.20 0.22
CA TYR E 32 8.27 7.93 0.29
C TYR E 32 7.57 9.10 0.99
N MET E 33 6.57 9.67 0.32
CA MET E 33 5.68 10.71 0.89
C MET E 33 4.23 10.36 0.56
N TYR E 34 3.30 10.74 1.45
CA TYR E 34 1.89 10.29 1.46
C TYR E 34 0.96 11.47 1.78
N TRP E 35 -0.24 11.46 1.20
CA TRP E 35 -1.39 12.33 1.58
C TRP E 35 -2.57 11.45 1.97
N TYR E 36 -3.08 11.63 3.18
CA TYR E 36 -4.31 11.01 3.73
C TYR E 36 -5.33 12.12 4.02
N ARG E 37 -6.62 11.77 4.00
CA ARG E 37 -7.71 12.61 4.56
C ARG E 37 -8.47 11.79 5.60
N GLN E 38 -9.06 12.47 6.58
CA GLN E 38 -9.85 11.84 7.68
C GLN E 38 -11.14 12.64 7.89
N ASP E 39 -12.29 11.99 7.73
CA ASP E 39 -13.63 12.57 8.03
C ASP E 39 -13.94 12.35 9.50
N PRO E 40 -14.90 13.11 10.09
CA PRO E 40 -15.28 12.93 11.49
C PRO E 40 -15.69 11.49 11.84
N GLY E 41 -15.05 10.90 12.85
CA GLY E 41 -15.37 9.56 13.38
C GLY E 41 -14.97 8.45 12.41
N MET E 42 -14.00 8.71 11.52
CA MET E 42 -13.49 7.74 10.51
C MET E 42 -11.96 7.63 10.65
N GLY E 43 -11.36 6.70 9.92
CA GLY E 43 -9.90 6.52 9.81
C GLY E 43 -9.33 7.35 8.68
N LEU E 44 -8.00 7.38 8.57
CA LEU E 44 -7.27 8.06 7.48
C LEU E 44 -7.43 7.23 6.19
N LYS E 45 -7.60 7.90 5.05
CA LYS E 45 -7.70 7.28 3.71
C LYS E 45 -6.61 7.87 2.81
N LEU E 46 -5.79 7.01 2.18
CA LEU E 46 -4.67 7.43 1.29
C LEU E 46 -5.27 8.06 0.02
N ILE E 47 -4.90 9.31 -0.27
CA ILE E 47 -5.32 10.09 -1.47
C ILE E 47 -4.32 9.80 -2.60
N TYR E 48 -3.05 10.10 -2.36
CA TYR E 48 -1.91 10.02 -3.30
C TYR E 48 -0.64 9.68 -2.51
N TYR E 49 0.32 9.02 -3.16
CA TYR E 49 1.66 8.73 -2.61
C TYR E 49 2.71 8.91 -3.70
N SER E 50 3.97 9.03 -3.27
CA SER E 50 5.17 9.18 -4.14
C SER E 50 6.31 8.33 -3.56
N VAL E 51 6.95 7.51 -4.39
CA VAL E 51 8.08 6.61 -3.99
C VAL E 51 9.42 7.28 -4.32
N GLY E 52 9.40 8.54 -4.76
CA GLY E 52 10.61 9.33 -5.03
C GLY E 52 10.33 10.50 -5.96
N ALA E 53 11.30 11.41 -6.10
CA ALA E 53 11.23 12.60 -6.97
C ALA E 53 10.83 12.20 -8.38
N GLY E 54 9.81 12.87 -8.94
CA GLY E 54 9.42 12.76 -10.37
C GLY E 54 8.42 11.65 -10.63
N ILE E 55 7.85 11.03 -9.60
CA ILE E 55 6.74 10.04 -9.77
C ILE E 55 5.70 10.23 -8.67
N THR E 56 4.42 10.14 -9.05
CA THR E 56 3.25 10.12 -8.13
C THR E 56 2.33 8.97 -8.56
N ASP E 57 1.56 8.43 -7.61
CA ASP E 57 0.64 7.29 -7.86
C ASP E 57 -0.62 7.46 -7.00
N LYS E 58 -1.79 7.17 -7.58
CA LYS E 58 -3.11 7.25 -6.94
C LYS E 58 -3.13 6.31 -5.72
N GLY E 59 -3.70 6.77 -4.61
CA GLY E 59 -4.02 5.93 -3.44
C GLY E 59 -5.43 5.37 -3.57
N GLU E 60 -6.15 5.29 -2.44
CA GLU E 60 -7.53 4.74 -2.35
C GLU E 60 -8.53 5.79 -2.87
N VAL E 61 -8.37 7.07 -2.51
CA VAL E 61 -9.38 8.14 -2.75
C VAL E 61 -8.74 9.33 -3.45
N PRO E 62 -8.17 9.15 -4.67
CA PRO E 62 -7.50 10.23 -5.38
C PRO E 62 -8.42 11.26 -6.05
N ASN E 63 -9.72 10.96 -6.17
CA ASN E 63 -10.70 11.77 -6.95
C ASN E 63 -10.79 13.19 -6.38
N GLY E 64 -10.58 14.19 -7.25
CA GLY E 64 -10.75 15.62 -6.95
C GLY E 64 -9.46 16.30 -6.51
N TYR E 65 -8.33 15.59 -6.56
CA TYR E 65 -7.00 16.09 -6.10
C TYR E 65 -5.94 15.89 -7.18
N ASN E 66 -4.89 16.72 -7.11
CA ASN E 66 -3.64 16.57 -7.89
C ASN E 66 -2.45 16.73 -6.93
N VAL E 67 -1.33 16.07 -7.24
CA VAL E 67 -0.06 16.14 -6.48
C VAL E 67 1.09 16.27 -7.48
N SER E 68 2.26 16.71 -7.02
CA SER E 68 3.53 16.72 -7.78
C SER E 68 4.69 16.40 -6.83
N ARG E 69 5.73 15.75 -7.34
CA ARG E 69 6.98 15.45 -6.59
C ARG E 69 8.18 15.83 -7.48
N SER E 70 8.34 17.14 -7.73
CA SER E 70 9.48 17.73 -8.50
C SER E 70 10.79 17.46 -7.78
N THR E 71 10.77 17.49 -6.44
CA THR E 71 11.96 17.29 -5.56
C THR E 71 11.63 16.25 -4.47
N THR E 72 12.68 15.71 -3.85
CA THR E 72 12.59 14.79 -2.68
C THR E 72 11.87 15.49 -1.53
N GLU E 73 12.15 16.79 -1.34
CA GLU E 73 11.75 17.57 -0.13
C GLU E 73 10.23 17.76 -0.07
N ASP E 74 9.59 18.06 -1.20
CA ASP E 74 8.22 18.66 -1.25
C ASP E 74 7.24 17.73 -1.96
N PHE E 75 6.03 17.63 -1.41
CA PHE E 75 4.89 16.85 -1.97
C PHE E 75 3.61 17.67 -1.81
N PRO E 76 3.39 18.72 -2.63
CA PRO E 76 2.17 19.53 -2.51
C PRO E 76 0.91 18.80 -3.00
N LEU E 77 -0.20 19.00 -2.29
CA LEU E 77 -1.55 18.53 -2.66
C LEU E 77 -2.36 19.73 -3.18
N ARG E 78 -2.94 19.61 -4.37
CA ARG E 78 -3.71 20.69 -5.05
C ARG E 78 -5.19 20.33 -5.08
N LEU E 79 -6.05 21.27 -4.65
CA LEU E 79 -7.51 21.26 -4.92
C LEU E 79 -7.80 22.33 -5.97
N GLU E 80 -8.24 21.94 -7.17
CA GLU E 80 -8.46 22.86 -8.31
C GLU E 80 -9.82 23.54 -8.18
N SER E 81 -10.80 22.87 -7.56
CA SER E 81 -12.21 23.33 -7.50
C SER E 81 -12.90 22.75 -6.25
N ALA E 82 -12.79 23.45 -5.12
CA ALA E 82 -13.30 23.02 -3.80
C ALA E 82 -14.78 22.61 -3.93
N ALA E 83 -15.11 21.41 -3.45
CA ALA E 83 -16.49 20.87 -3.34
C ALA E 83 -16.77 20.55 -1.88
N PRO E 84 -18.06 20.56 -1.45
CA PRO E 84 -18.42 20.25 -0.06
C PRO E 84 -17.80 18.95 0.48
N SER E 85 -17.69 17.91 -0.36
CA SER E 85 -17.20 16.56 0.00
C SER E 85 -15.72 16.60 0.42
N GLN E 86 -15.00 17.68 0.11
CA GLN E 86 -13.54 17.82 0.37
C GLN E 86 -13.31 18.50 1.73
N THR E 87 -14.37 18.88 2.45
CA THR E 87 -14.29 19.26 3.89
C THR E 87 -13.77 18.04 4.64
N SER E 88 -12.59 18.14 5.26
CA SER E 88 -11.86 17.01 5.88
C SER E 88 -10.63 17.52 6.62
N VAL E 89 -9.97 16.63 7.37
CA VAL E 89 -8.60 16.86 7.93
C VAL E 89 -7.62 16.10 7.05
N TYR E 90 -6.58 16.79 6.57
CA TYR E 90 -5.57 16.24 5.63
C TYR E 90 -4.24 16.08 6.37
N PHE E 91 -3.72 14.85 6.40
CA PHE E 91 -2.42 14.48 7.00
C PHE E 91 -1.45 14.11 5.88
N CYS E 92 -0.33 14.82 5.85
CA CYS E 92 0.87 14.44 5.07
C CYS E 92 1.75 13.55 5.94
N ALA E 93 2.50 12.65 5.30
CA ALA E 93 3.44 11.71 5.96
C ALA E 93 4.60 11.40 5.01
N SER E 94 5.69 10.88 5.57
CA SER E 94 6.88 10.39 4.83
C SER E 94 7.44 9.16 5.54
N SER E 95 8.28 8.39 4.85
CA SER E 95 9.02 7.23 5.41
C SER E 95 10.30 7.02 4.61
N GLU E 96 11.33 6.46 5.26
CA GLU E 96 12.65 6.16 4.64
C GLU E 96 12.49 4.98 3.68
N THR E 97 11.63 4.02 4.04
CA THR E 97 11.36 2.79 3.25
C THR E 97 9.85 2.51 3.22
N ARG E 98 9.42 1.64 2.31
CA ARG E 98 8.00 1.19 2.19
C ARG E 98 7.59 0.48 3.48
N GLY E 99 8.47 -0.38 4.01
CA GLY E 99 8.27 -1.18 5.23
C GLY E 99 8.10 -0.30 6.46
N ALA E 100 8.77 0.86 6.47
CA ALA E 100 8.72 1.87 7.57
C ALA E 100 8.78 1.16 8.91
N PRO E 101 9.93 0.57 9.29
CA PRO E 101 10.07 -0.16 10.55
C PRO E 101 9.88 0.75 11.78
N TYR E 102 10.19 2.04 11.65
CA TYR E 102 10.02 3.08 12.70
C TYR E 102 8.60 3.67 12.66
N GLY E 103 7.77 3.24 11.70
CA GLY E 103 6.47 3.86 11.37
C GLY E 103 6.65 5.11 10.53
N TYR E 104 5.58 5.60 9.91
CA TYR E 104 5.56 6.86 9.11
C TYR E 104 5.79 8.05 10.04
N THR E 105 6.45 9.10 9.52
CA THR E 105 6.52 10.44 10.16
C THR E 105 5.33 11.27 9.64
N PHE E 106 4.40 11.63 10.52
CA PHE E 106 3.13 12.33 10.18
C PHE E 106 3.28 13.82 10.45
N GLY E 107 2.70 14.66 9.57
CA GLY E 107 2.48 16.10 9.80
C GLY E 107 1.39 16.32 10.84
N SER E 108 1.25 17.55 11.36
CA SER E 108 0.29 17.91 12.44
C SER E 108 -1.14 17.94 11.88
N GLY E 109 -1.30 18.15 10.57
CA GLY E 109 -2.59 18.07 9.88
C GLY E 109 -3.06 19.43 9.37
N THR E 110 -3.98 19.43 8.41
CA THR E 110 -4.63 20.63 7.83
C THR E 110 -6.16 20.41 7.86
N ARG E 111 -6.87 21.26 8.59
CA ARG E 111 -8.36 21.25 8.62
C ARG E 111 -8.87 22.17 7.49
N LEU E 112 -9.56 21.59 6.51
CA LEU E 112 -10.18 22.33 5.39
C LEU E 112 -11.71 22.31 5.57
N THR E 113 -12.33 23.48 5.50
CA THR E 113 -13.81 23.65 5.56
C THR E 113 -14.27 24.36 4.27
N VAL E 114 -15.05 23.67 3.44
CA VAL E 114 -15.63 24.23 2.18
C VAL E 114 -17.03 24.76 2.49
N VAL E 115 -17.32 26.01 2.14
CA VAL E 115 -18.60 26.71 2.43
C VAL E 115 -19.20 27.22 1.12
N GLU E 116 -20.54 27.34 1.07
CA GLU E 116 -21.29 27.86 -0.12
C GLU E 116 -21.07 29.37 -0.24
N ASP E 117 -21.01 30.06 0.91
CA ASP E 117 -20.99 31.55 1.00
C ASP E 117 -20.08 31.96 2.17
N LEU E 118 -19.08 32.79 1.89
CA LEU E 118 -18.10 33.30 2.91
C LEU E 118 -18.81 34.26 3.86
N ASN E 119 -19.93 34.84 3.44
CA ASN E 119 -20.75 35.80 4.23
C ASN E 119 -21.51 35.07 5.34
N LYS E 120 -21.47 33.73 5.38
CA LYS E 120 -22.12 32.90 6.43
C LYS E 120 -21.13 32.58 7.55
N VAL E 121 -19.86 32.99 7.41
CA VAL E 121 -18.81 32.81 8.46
C VAL E 121 -19.04 33.86 9.55
N PHE E 122 -19.16 33.44 10.81
CA PHE E 122 -19.38 34.29 12.00
C PHE E 122 -18.43 33.89 13.11
N PRO E 123 -17.79 34.84 13.81
CA PRO E 123 -16.98 34.52 14.99
C PRO E 123 -17.94 34.23 16.14
N PRO E 124 -17.47 33.58 17.23
CA PRO E 124 -18.33 33.37 18.40
C PRO E 124 -18.54 34.66 19.20
N GLU E 125 -19.73 34.81 19.78
CA GLU E 125 -19.95 35.66 20.98
C GLU E 125 -19.71 34.77 22.20
N VAL E 126 -19.04 35.30 23.23
CA VAL E 126 -18.59 34.53 24.43
C VAL E 126 -19.17 35.20 25.68
N ALA E 127 -19.73 34.39 26.59
CA ALA E 127 -20.30 34.83 27.88
C ALA E 127 -19.84 33.89 28.99
N VAL E 128 -19.48 34.43 30.16
CA VAL E 128 -19.18 33.66 31.39
C VAL E 128 -20.34 33.86 32.37
N PHE E 129 -20.92 32.76 32.85
CA PHE E 129 -22.05 32.74 33.81
C PHE E 129 -21.50 32.43 35.21
N GLU E 130 -21.90 33.24 36.20
CA GLU E 130 -21.38 33.21 37.59
C GLU E 130 -21.95 32.02 38.34
N PRO E 131 -21.18 31.38 39.25
CA PRO E 131 -21.66 30.25 40.03
C PRO E 131 -22.93 30.55 40.82
N SER E 132 -23.81 29.54 40.93
CA SER E 132 -25.11 29.59 41.64
C SER E 132 -24.87 29.65 43.15
N GLU E 133 -25.52 30.61 43.82
CA GLU E 133 -25.53 30.76 45.30
C GLU E 133 -26.00 29.44 45.93
N ALA E 134 -26.99 28.79 45.29
CA ALA E 134 -27.59 27.51 45.74
C ALA E 134 -26.55 26.39 45.71
N GLU E 135 -25.69 26.36 44.67
CA GLU E 135 -24.59 25.37 44.55
C GLU E 135 -23.59 25.61 45.69
N ILE E 136 -23.18 26.86 45.85
CA ILE E 136 -22.14 27.28 46.84
C ILE E 136 -22.57 26.81 48.23
N SER E 137 -23.80 27.11 48.65
CA SER E 137 -24.35 26.77 49.99
C SER E 137 -24.50 25.25 50.14
N HIS E 138 -24.84 24.53 49.07
CA HIS E 138 -25.12 23.07 49.12
C HIS E 138 -23.83 22.25 49.07
N THR E 139 -22.79 22.69 48.34
CA THR E 139 -21.58 21.89 48.03
C THR E 139 -20.27 22.54 48.52
N GLN E 140 -20.28 23.83 48.89
CA GLN E 140 -19.05 24.65 49.12
C GLN E 140 -18.16 24.59 47.86
N LYS E 141 -18.77 24.44 46.69
CA LYS E 141 -18.08 24.46 45.37
C LYS E 141 -18.84 25.43 44.45
N ALA E 142 -18.16 25.95 43.43
CA ALA E 142 -18.63 27.04 42.56
C ALA E 142 -18.25 26.72 41.11
N THR E 143 -19.25 26.46 40.25
CA THR E 143 -19.06 26.14 38.82
C THR E 143 -19.34 27.38 37.97
N LEU E 144 -18.34 27.86 37.24
CA LEU E 144 -18.50 28.87 36.17
C LEU E 144 -18.91 28.13 34.89
N VAL E 145 -19.80 28.73 34.10
CA VAL E 145 -20.17 28.21 32.75
C VAL E 145 -19.74 29.25 31.71
N CYS E 146 -18.95 28.81 30.73
CA CYS E 146 -18.64 29.58 29.51
C CYS E 146 -19.54 29.08 28.37
N LEU E 147 -20.15 30.01 27.64
CA LEU E 147 -21.03 29.71 26.48
C LEU E 147 -20.53 30.56 25.29
N ALA E 148 -20.03 29.88 24.26
CA ALA E 148 -19.71 30.46 22.93
C ALA E 148 -20.86 30.13 21.98
N THR E 149 -21.43 31.14 21.33
CA THR E 149 -22.67 31.03 20.51
C THR E 149 -22.49 31.77 19.17
N GLY E 150 -23.26 31.37 18.17
CA GLY E 150 -23.43 32.07 16.88
C GLY E 150 -22.21 31.98 15.97
N PHE E 151 -21.36 30.96 16.12
CA PHE E 151 -20.13 30.81 15.30
C PHE E 151 -20.36 29.81 14.17
N TYR E 152 -19.66 30.03 13.05
CA TYR E 152 -19.64 29.16 11.85
C TYR E 152 -18.38 29.48 11.04
N PRO E 153 -17.58 28.49 10.59
CA PRO E 153 -17.84 27.06 10.83
C PRO E 153 -17.56 26.62 12.28
N ASP E 154 -17.57 25.31 12.54
CA ASP E 154 -17.76 24.73 13.90
C ASP E 154 -16.45 24.54 14.65
N HIS E 155 -15.28 24.85 14.07
CA HIS E 155 -13.96 24.59 14.69
C HIS E 155 -13.54 25.76 15.60
N VAL E 156 -13.55 25.52 16.91
CA VAL E 156 -13.03 26.46 17.96
C VAL E 156 -12.21 25.66 18.97
N GLU E 157 -11.29 26.32 19.66
CA GLU E 157 -10.53 25.78 20.81
C GLU E 157 -10.80 26.67 22.04
N LEU E 158 -11.51 26.12 23.04
CA LEU E 158 -11.89 26.82 24.28
C LEU E 158 -10.89 26.47 25.39
N SER E 159 -10.38 27.48 26.09
CA SER E 159 -9.42 27.34 27.22
C SER E 159 -9.83 28.28 28.36
N TRP E 160 -9.52 27.91 29.61
CA TRP E 160 -9.82 28.70 30.83
C TRP E 160 -8.52 29.31 31.35
N TRP E 161 -8.56 30.59 31.72
CA TRP E 161 -7.40 31.33 32.29
C TRP E 161 -7.82 31.91 33.63
N VAL E 162 -7.16 31.47 34.71
CA VAL E 162 -7.40 31.93 36.11
C VAL E 162 -6.20 32.77 36.54
N ASN E 163 -6.44 34.05 36.85
CA ASN E 163 -5.39 35.03 37.27
C ASN E 163 -4.25 35.03 36.24
N GLY E 164 -4.58 35.00 34.95
CA GLY E 164 -3.64 35.17 33.83
C GLY E 164 -2.90 33.90 33.46
N LYS E 165 -3.27 32.75 34.03
CA LYS E 165 -2.59 31.44 33.77
C LYS E 165 -3.62 30.39 33.35
N GLU E 166 -3.32 29.61 32.32
CA GLU E 166 -4.23 28.57 31.77
C GLU E 166 -4.40 27.47 32.81
N VAL E 167 -5.63 26.98 32.99
CA VAL E 167 -6.00 25.93 33.99
C VAL E 167 -6.62 24.74 33.27
N HIS E 168 -6.37 23.54 33.77
CA HIS E 168 -6.91 22.25 33.25
C HIS E 168 -7.73 21.55 34.34
N SER E 169 -7.28 21.61 35.59
CA SER E 169 -8.00 21.04 36.76
C SER E 169 -9.35 21.74 36.89
N GLY E 170 -10.42 20.97 37.10
CA GLY E 170 -11.79 21.47 37.32
C GLY E 170 -12.45 21.92 36.03
N VAL E 171 -11.86 21.60 34.88
CA VAL E 171 -12.38 21.99 33.53
C VAL E 171 -12.91 20.73 32.82
N CYS E 172 -14.09 20.84 32.22
CA CYS E 172 -14.57 19.91 31.15
C CYS E 172 -15.40 20.73 30.16
N THR E 173 -15.17 20.47 28.86
CA THR E 173 -15.82 21.14 27.71
C THR E 173 -16.71 20.13 27.01
N ASP E 174 -17.77 20.59 26.35
CA ASP E 174 -18.67 19.76 25.50
C ASP E 174 -17.79 19.00 24.49
N PRO E 175 -18.04 17.70 24.24
CA PRO E 175 -17.22 16.93 23.30
C PRO E 175 -17.29 17.50 21.88
N GLN E 176 -18.41 18.15 21.53
CA GLN E 176 -18.65 18.75 20.19
C GLN E 176 -19.64 19.92 20.32
N PRO E 177 -19.58 20.93 19.43
CA PRO E 177 -20.60 21.99 19.40
C PRO E 177 -21.97 21.43 19.00
N LEU E 178 -23.05 22.10 19.42
CA LEU E 178 -24.43 21.77 18.96
C LEU E 178 -24.88 22.82 17.93
N LYS E 179 -25.79 22.43 17.03
CA LYS E 179 -26.39 23.33 16.02
C LYS E 179 -27.48 24.17 16.70
N GLU E 180 -27.44 25.49 16.51
CA GLU E 180 -28.47 26.44 17.00
C GLU E 180 -29.74 26.30 16.16
N GLN E 181 -29.60 25.88 14.89
CA GLN E 181 -30.71 25.61 13.93
C GLN E 181 -30.55 24.19 13.37
N PRO E 182 -30.88 23.13 14.13
CA PRO E 182 -30.57 21.75 13.74
C PRO E 182 -31.11 21.33 12.36
N ALA E 183 -32.17 21.99 11.87
CA ALA E 183 -32.79 21.74 10.55
C ALA E 183 -31.91 22.28 9.42
N LEU E 184 -31.27 23.44 9.63
CA LEU E 184 -30.49 24.16 8.57
C LEU E 184 -29.09 23.55 8.44
N ASN E 185 -28.60 23.43 7.20
CA ASN E 185 -27.26 22.88 6.86
C ASN E 185 -26.17 23.88 7.27
N ASP E 186 -26.40 25.18 7.09
CA ASP E 186 -25.43 26.28 7.38
C ASP E 186 -25.72 26.87 8.77
N SER E 187 -26.29 26.07 9.67
CA SER E 187 -26.62 26.46 11.07
C SER E 187 -25.35 26.94 11.79
N ARG E 188 -25.46 28.03 12.55
CA ARG E 188 -24.41 28.50 13.48
C ARG E 188 -24.35 27.53 14.68
N TYR E 189 -23.22 27.53 15.39
CA TYR E 189 -22.90 26.53 16.45
C TYR E 189 -22.77 27.22 17.82
N ALA E 190 -23.04 26.45 18.87
CA ALA E 190 -22.83 26.83 20.29
C ALA E 190 -21.95 25.77 20.95
N LEU E 191 -21.13 26.18 21.91
CA LEU E 191 -20.24 25.27 22.69
C LEU E 191 -20.20 25.81 24.12
N SER E 192 -20.32 24.92 25.11
CA SER E 192 -20.23 25.27 26.55
C SER E 192 -19.02 24.56 27.17
N SER E 193 -18.48 25.14 28.24
CA SER E 193 -17.42 24.56 29.09
C SER E 193 -17.71 24.93 30.54
N ARG E 194 -17.26 24.10 31.48
CA ARG E 194 -17.41 24.33 32.94
C ARG E 194 -16.01 24.47 33.56
N LEU E 195 -15.87 25.38 34.51
CA LEU E 195 -14.69 25.50 35.41
C LEU E 195 -15.22 25.52 36.84
N ARG E 196 -14.93 24.48 37.61
CA ARG E 196 -15.37 24.35 39.03
C ARG E 196 -14.21 24.70 39.95
N VAL E 197 -14.48 25.53 40.96
CA VAL E 197 -13.49 25.96 41.99
C VAL E 197 -14.18 25.91 43.36
N SER E 198 -13.39 25.90 44.43
CA SER E 198 -13.89 26.03 45.82
C SER E 198 -14.72 27.31 45.95
N ALA E 199 -15.72 27.30 46.85
CA ALA E 199 -16.53 28.50 47.21
C ALA E 199 -15.59 29.62 47.68
N THR E 200 -14.55 29.26 48.43
CA THR E 200 -13.50 30.19 48.94
C THR E 200 -12.85 30.94 47.76
N PHE E 201 -12.45 30.22 46.71
CA PHE E 201 -11.73 30.80 45.55
C PHE E 201 -12.64 31.76 44.78
N TRP E 202 -13.91 31.38 44.57
CA TRP E 202 -14.91 32.22 43.84
C TRP E 202 -15.24 33.47 44.65
N GLN E 203 -15.43 33.33 45.96
CA GLN E 203 -15.92 34.41 46.86
C GLN E 203 -14.74 35.27 47.34
N ASP E 204 -14.00 35.83 46.37
CA ASP E 204 -12.81 36.69 46.58
C ASP E 204 -12.65 37.57 45.35
N PRO E 205 -12.79 38.92 45.46
CA PRO E 205 -12.78 39.80 44.29
C PRO E 205 -11.41 39.97 43.62
N ARG E 206 -10.35 39.42 44.19
CA ARG E 206 -8.97 39.47 43.62
C ARG E 206 -8.82 38.42 42.52
N ASN E 207 -9.68 37.38 42.50
CA ASN E 207 -9.57 36.23 41.56
C ASN E 207 -10.28 36.57 40.25
N HIS E 208 -9.60 36.33 39.13
CA HIS E 208 -10.04 36.68 37.74
C HIS E 208 -10.13 35.39 36.92
N PHE E 209 -11.28 35.16 36.26
CA PHE E 209 -11.60 33.95 35.46
C PHE E 209 -11.94 34.39 34.03
N ARG E 210 -11.16 33.94 33.04
CA ARG E 210 -11.35 34.28 31.62
C ARG E 210 -11.58 33.00 30.81
N CYS E 211 -12.66 32.97 30.04
CA CYS E 211 -12.94 31.95 29.00
C CYS E 211 -12.45 32.49 27.65
N GLN E 212 -11.49 31.78 27.05
CA GLN E 212 -10.83 32.14 25.77
C GLN E 212 -11.30 31.17 24.69
N VAL E 213 -11.87 31.69 23.59
CA VAL E 213 -12.32 30.89 22.42
C VAL E 213 -11.50 31.32 21.19
N GLN E 214 -10.56 30.46 20.77
CA GLN E 214 -9.79 30.61 19.51
C GLN E 214 -10.71 30.19 18.36
N PHE E 215 -11.08 31.13 17.49
CA PHE E 215 -11.93 30.90 16.30
C PHE E 215 -11.03 30.85 15.05
N TYR E 216 -11.21 29.80 14.23
CA TYR E 216 -10.55 29.62 12.92
C TYR E 216 -11.54 30.05 11.83
N GLY E 217 -11.22 31.16 11.14
CA GLY E 217 -12.14 31.85 10.22
C GLY E 217 -11.47 32.21 8.92
N LEU E 218 -11.89 33.31 8.31
CA LEU E 218 -11.35 33.83 7.02
C LEU E 218 -9.90 34.27 7.23
N SER E 219 -9.11 34.30 6.15
CA SER E 219 -7.72 34.81 6.13
C SER E 219 -7.73 36.28 5.69
N GLU E 220 -6.57 36.96 5.77
CA GLU E 220 -6.42 38.39 5.41
C GLU E 220 -6.61 38.57 3.90
N ASN E 221 -6.27 37.54 3.11
CA ASN E 221 -6.33 37.56 1.62
C ASN E 221 -7.76 37.37 1.12
N ASP E 222 -8.71 37.05 2.00
CA ASP E 222 -10.16 36.92 1.67
C ASP E 222 -10.76 38.31 1.47
N GLU E 223 -11.69 38.43 0.50
CA GLU E 223 -12.42 39.68 0.17
C GLU E 223 -13.66 39.77 1.07
N TRP E 224 -14.05 40.98 1.47
CA TRP E 224 -15.15 41.23 2.45
C TRP E 224 -15.84 42.57 2.14
N THR E 225 -17.18 42.54 2.01
CA THR E 225 -18.02 43.71 1.61
C THR E 225 -18.98 44.10 2.75
N GLN E 226 -19.10 43.29 3.79
CA GLN E 226 -20.11 43.48 4.87
C GLN E 226 -19.67 44.63 5.79
N ASP E 227 -20.65 45.25 6.47
CA ASP E 227 -20.42 46.36 7.44
C ASP E 227 -19.73 45.80 8.69
N ARG E 228 -20.16 44.63 9.18
CA ARG E 228 -19.57 43.95 10.36
C ARG E 228 -18.11 43.60 10.06
N ALA E 229 -17.28 43.48 11.10
CA ALA E 229 -15.82 43.21 11.01
C ALA E 229 -15.59 41.88 10.29
N LYS E 230 -14.57 41.80 9.44
CA LYS E 230 -14.19 40.57 8.70
C LYS E 230 -14.04 39.44 9.71
N PRO E 231 -14.75 38.30 9.55
CA PRO E 231 -14.67 37.19 10.50
C PRO E 231 -13.38 36.37 10.34
N VAL E 232 -12.23 37.01 10.61
CA VAL E 232 -10.87 36.41 10.48
C VAL E 232 -10.62 35.48 11.66
N THR E 233 -9.60 34.63 11.56
CA THR E 233 -9.06 33.84 12.71
C THR E 233 -8.76 34.82 13.83
N GLN E 234 -9.39 34.65 15.00
CA GLN E 234 -9.32 35.61 16.12
C GLN E 234 -9.62 34.90 17.44
N ILE E 235 -9.24 35.53 18.55
CA ILE E 235 -9.60 35.10 19.93
C ILE E 235 -10.73 36.01 20.43
N VAL E 236 -11.84 35.43 20.86
CA VAL E 236 -12.96 36.12 21.55
C VAL E 236 -12.99 35.61 22.99
N SER E 237 -12.95 36.52 23.96
CA SER E 237 -12.92 36.23 25.42
C SER E 237 -14.11 36.87 26.12
N ALA E 238 -14.53 36.27 27.23
CA ALA E 238 -15.35 36.91 28.28
C ALA E 238 -14.71 36.58 29.63
N GLU E 239 -14.68 37.53 30.56
CA GLU E 239 -14.05 37.33 31.88
C GLU E 239 -15.04 37.75 32.97
N ALA E 240 -14.95 37.06 34.11
CA ALA E 240 -15.71 37.32 35.35
C ALA E 240 -14.72 37.42 36.50
N TRP E 241 -15.03 38.24 37.51
CA TRP E 241 -14.20 38.38 38.73
C TRP E 241 -14.99 37.78 39.91
N GLY E 242 -14.28 37.20 40.87
CA GLY E 242 -14.87 36.73 42.14
C GLY E 242 -15.63 37.84 42.84
N ARG E 243 -16.54 37.50 43.75
CA ARG E 243 -17.45 38.45 44.42
C ARG E 243 -17.72 37.97 45.86
N ALA E 244 -17.58 38.88 46.84
CA ALA E 244 -17.93 38.67 48.26
C ALA E 244 -19.20 39.46 48.61
N ASP E 245 -19.31 40.70 48.10
CA ASP E 245 -20.54 41.53 48.13
C ASP E 245 -20.96 41.81 49.57
#